data_2F7R
#
_entry.id   2F7R
#
_cell.length_a   68.682
_cell.length_b   109.143
_cell.length_c   138.348
_cell.angle_alpha   90.00
_cell.angle_beta   90.00
_cell.angle_gamma   90.00
#
_symmetry.space_group_name_H-M   'P 21 21 21'
#
loop_
_entity.id
_entity.type
_entity.pdbx_description
1 polymer 'alpha-mannosidase II'
2 non-polymer 2-acetamido-2-deoxy-beta-D-glucopyranose
3 non-polymer 'ZINC ION'
4 non-polymer (1R,2R,3S,4S,5R)-5-(BENZYLAMINO)CYCLOPENTANE-1,2,3,4-TETROL
5 non-polymer (4S)-2-METHYL-2,4-PENTANEDIOL
6 water water
#
_entity_poly.entity_id   1
_entity_poly.type   'polypeptide(L)'
_entity_poly.pdbx_seq_one_letter_code
;RSSHHHHHHGEFDDPIRPPLKVARSPRPGQCQDVVQDVPNVDVQMLELYDRMSFKDIDGGVWKQGWNIKYDPLKYNAHHK
LKVFVVPHSHNDPGWIQTFEEYYQHDTKHILSNALRHLHDNPEMKFIWAEISYFARFYHDLGENKKLQMKSIVKNGQLEF
VTGGWVMPDEANSHWRNVLLQLTEGQTWLKQFMNVTPTASWAIDPFGHSPTMPYILQKSGFKNMLIQRTHYSVKKELAQQ
RQLEFLWRQIWDNKGDTALFTHMMPFYSYDIPHTCGPDPKVCCQFDFKRMGSFGLSCPWKVPPRTISDQNVAARSDLLVD
QWKKKAELYRTNVLLIPLGDDFRFKQNTEWDVQRVNYERLFEHINSQAHFNVQAQFGTLQEYFDAVHQAERAGQAEFPTL
SGDFFTYADRSDNYWSGYYTSRPYHKRMDRVLMHYVRAAEMLSAWHSWDGMARIEERLEQARRELSLFQHHDGITGTAKT
HVVVDYEQRMQEALKACQMVMQQSVYRLLTKPSIYSPDFSFSYFTLDDSRWPGSGVEDSRTTIILGEDILPSKHVVMHNT
LPHWREQLVDFYVSSPFVSVTDLANNPVEAQVSPVWSWHHDTLTKTIHPQGSTTKYRIIFKARVPPMGLATYVLTISDSK
PEHTSYASNLLLRKNPTSLPLGQYPEDVKFGDPREISLRVGNGPTLAFSEQGLLKSIQLTQDSPHVPVHFKFLKYGVRSH
GDRSGAYLFLPNGPASPVELGQPVVLVTKGKLESSVSVGLPSVVHQTIMRGGAPEIRNLVDIGSLDNTEIVMRLETHIDS
GDIFYTDLNGLQFIKRRRLDKLPLQANYYPIPSGMFIEDANTRLTLLTGQPLGGSSLASGELEIMQDRRLASDDERGLGQ
GVLDNKPVLHIYRLVLEKVNNCVRPSKLHPAGYLTSAAHKASQSLLDPLDKFIFAENEWIGAQGQFGGDHPSAREDLDVS
VMRRLTKSSAKTQRVGYVLHRTNLMQCGTPEEHTQKLDVCHLLPNVARCERTTLTFLQNLEHLDGMVAPEVCPMETAAYV
SSHSS
;
_entity_poly.pdbx_strand_id   A
#
loop_
_chem_comp.id
_chem_comp.type
_chem_comp.name
_chem_comp.formula
MPD non-polymer (4S)-2-METHYL-2,4-PENTANEDIOL 'C6 H14 O2'
NAG D-saccharide, beta linking 2-acetamido-2-deoxy-beta-D-glucopyranose 'C8 H15 N O6'
SK3 non-polymer (1R,2R,3S,4S,5R)-5-(BENZYLAMINO)CYCLOPENTANE-1,2,3,4-TETROL 'C12 H17 N O4'
ZN non-polymer 'ZINC ION' 'Zn 2'
#
# COMPACT_ATOMS: atom_id res chain seq x y z
N CYS A 31 14.93 13.33 -20.73
CA CYS A 31 13.95 12.42 -20.08
C CYS A 31 13.25 11.57 -21.11
N GLN A 32 13.03 10.31 -20.80
CA GLN A 32 12.27 9.40 -21.67
C GLN A 32 10.82 9.88 -21.71
N ASP A 33 10.21 9.75 -22.87
CA ASP A 33 8.81 10.07 -23.06
C ASP A 33 8.01 8.81 -22.59
N VAL A 34 7.19 8.97 -21.58
CA VAL A 34 6.46 7.83 -21.00
C VAL A 34 5.08 7.66 -21.57
N VAL A 35 4.75 8.50 -22.55
CA VAL A 35 3.42 8.43 -23.15
C VAL A 35 3.30 7.90 -24.59
N GLN A 36 4.21 8.40 -25.42
CA GLN A 36 4.14 8.20 -26.89
C GLN A 36 4.91 7.09 -27.53
N ASP A 37 5.80 6.45 -26.80
CA ASP A 37 6.61 5.36 -27.34
C ASP A 37 6.17 4.02 -26.69
N VAL A 38 5.53 3.13 -27.42
CA VAL A 38 5.14 1.85 -26.82
C VAL A 38 6.40 0.95 -26.71
N PRO A 39 6.77 0.53 -25.50
CA PRO A 39 7.98 -0.31 -25.42
C PRO A 39 7.85 -1.60 -26.15
N ASN A 40 8.99 -2.03 -26.71
CA ASN A 40 9.02 -3.30 -27.38
C ASN A 40 9.57 -4.33 -26.40
N VAL A 41 8.72 -5.23 -25.93
CA VAL A 41 9.17 -6.27 -24.95
C VAL A 41 8.78 -7.61 -25.46
N ASP A 42 9.47 -8.65 -25.01
CA ASP A 42 9.13 -9.97 -25.43
C ASP A 42 7.80 -10.47 -24.89
N VAL A 43 7.52 -10.13 -23.63
CA VAL A 43 6.29 -10.56 -22.98
C VAL A 43 5.65 -9.29 -22.39
N GLN A 44 4.42 -8.98 -22.80
CA GLN A 44 3.71 -7.82 -22.24
C GLN A 44 2.49 -8.47 -21.66
N MET A 45 2.33 -8.38 -20.31
CA MET A 45 1.29 -9.18 -19.69
C MET A 45 -0.17 -8.97 -20.14
N LEU A 46 -0.48 -7.73 -20.48
CA LEU A 46 -1.87 -7.47 -20.96
C LEU A 46 -2.08 -8.21 -22.31
N GLU A 47 -1.05 -8.18 -23.15
CA GLU A 47 -1.15 -8.83 -24.47
C GLU A 47 -1.16 -10.32 -24.25
N LEU A 48 -0.36 -10.82 -23.32
CA LEU A 48 -0.34 -12.22 -23.01
C LEU A 48 -1.70 -12.69 -22.55
N TYR A 49 -2.30 -11.93 -21.62
CA TYR A 49 -3.63 -12.28 -21.17
C TYR A 49 -4.68 -12.32 -22.30
N ASP A 50 -4.55 -11.42 -23.27
CA ASP A 50 -5.56 -11.39 -24.33
C ASP A 50 -5.48 -12.68 -25.13
N ARG A 51 -4.28 -13.22 -25.29
CA ARG A 51 -4.02 -14.47 -26.09
C ARG A 51 -4.24 -15.77 -25.38
N MET A 52 -3.87 -15.85 -24.12
CA MET A 52 -4.00 -17.08 -23.34
C MET A 52 -5.39 -17.66 -23.19
N SER A 53 -5.56 -19.00 -23.09
CA SER A 53 -6.92 -19.54 -22.94
C SER A 53 -7.33 -19.87 -21.48
N PHE A 54 -6.36 -19.94 -20.61
CA PHE A 54 -6.58 -20.21 -19.20
C PHE A 54 -7.30 -21.50 -18.90
N LYS A 55 -7.13 -22.51 -19.76
CA LYS A 55 -7.81 -23.77 -19.45
C LYS A 55 -7.15 -24.48 -18.33
N ASP A 56 -7.94 -25.01 -17.45
CA ASP A 56 -7.48 -25.68 -16.31
C ASP A 56 -7.47 -27.21 -16.52
N ILE A 57 -6.49 -27.71 -17.24
CA ILE A 57 -6.47 -29.13 -17.46
C ILE A 57 -5.49 -29.84 -16.59
N ASP A 58 -5.77 -31.11 -16.33
CA ASP A 58 -4.98 -31.96 -15.50
C ASP A 58 -3.71 -32.28 -16.26
N GLY A 59 -2.57 -31.76 -15.82
CA GLY A 59 -1.33 -32.01 -16.52
C GLY A 59 -0.56 -33.23 -16.03
N GLY A 60 -1.13 -34.04 -15.15
CA GLY A 60 -0.43 -35.19 -14.63
C GLY A 60 0.10 -34.89 -13.21
N VAL A 61 1.24 -35.46 -12.85
CA VAL A 61 1.81 -35.24 -11.53
C VAL A 61 2.04 -33.70 -11.35
N TRP A 62 2.43 -33.01 -12.39
CA TRP A 62 2.50 -31.53 -12.30
C TRP A 62 1.09 -31.20 -12.73
N LYS A 63 0.24 -30.98 -11.73
CA LYS A 63 -1.20 -30.84 -12.04
C LYS A 63 -1.55 -29.72 -12.96
N GLN A 64 -0.82 -28.62 -12.87
CA GLN A 64 -1.11 -27.48 -13.70
C GLN A 64 -0.10 -27.20 -14.80
N GLY A 65 0.70 -28.27 -15.06
CA GLY A 65 1.71 -28.20 -16.11
C GLY A 65 1.56 -29.33 -17.14
N TRP A 66 2.64 -30.07 -17.37
CA TRP A 66 2.58 -31.19 -18.36
C TRP A 66 3.67 -32.10 -17.91
N ASN A 67 3.78 -33.29 -18.51
CA ASN A 67 4.83 -34.25 -18.14
C ASN A 67 6.14 -33.79 -18.81
N ILE A 68 7.06 -33.23 -18.04
CA ILE A 68 8.29 -32.71 -18.59
C ILE A 68 9.22 -33.82 -19.05
N LYS A 69 9.77 -33.58 -20.24
CA LYS A 69 10.74 -34.53 -20.78
C LYS A 69 12.06 -33.82 -20.95
N TYR A 70 13.14 -34.59 -20.83
CA TYR A 70 14.44 -33.98 -21.04
C TYR A 70 15.34 -35.01 -21.72
N ASP A 71 16.38 -34.51 -22.33
CA ASP A 71 17.37 -35.35 -23.03
C ASP A 71 18.48 -35.63 -22.03
N PRO A 72 18.64 -36.91 -21.59
CA PRO A 72 19.70 -37.21 -20.63
C PRO A 72 21.08 -36.80 -21.10
N LEU A 73 21.27 -36.67 -22.40
CA LEU A 73 22.58 -36.27 -22.92
C LEU A 73 22.87 -34.76 -22.86
N LYS A 74 21.88 -33.96 -22.43
CA LYS A 74 22.09 -32.52 -22.34
C LYS A 74 23.25 -32.11 -21.42
N TYR A 75 23.34 -32.79 -20.28
CA TYR A 75 24.41 -32.52 -19.35
C TYR A 75 25.43 -33.66 -19.56
N ASN A 76 26.71 -33.33 -19.48
CA ASN A 76 27.76 -34.30 -19.72
C ASN A 76 29.01 -33.80 -19.01
N ALA A 77 30.11 -34.51 -19.20
CA ALA A 77 31.35 -34.13 -18.56
C ALA A 77 31.73 -32.66 -18.74
N HIS A 78 31.44 -32.11 -19.92
CA HIS A 78 31.81 -30.73 -20.15
C HIS A 78 30.74 -29.69 -19.86
N HIS A 79 29.58 -30.15 -19.42
CA HIS A 79 28.47 -29.23 -19.17
C HIS A 79 27.60 -29.86 -18.07
N LYS A 80 27.92 -29.54 -16.83
CA LYS A 80 27.20 -30.15 -15.71
C LYS A 80 26.07 -29.23 -15.24
N LEU A 81 25.07 -29.84 -14.64
CA LEU A 81 23.95 -29.06 -14.04
C LEU A 81 24.41 -28.70 -12.62
N LYS A 82 24.50 -27.39 -12.33
CA LYS A 82 24.93 -26.93 -11.01
C LYS A 82 23.67 -26.66 -10.25
N VAL A 83 23.49 -27.33 -9.11
CA VAL A 83 22.25 -27.25 -8.32
C VAL A 83 22.52 -26.60 -6.97
N PHE A 84 21.78 -25.53 -6.67
CA PHE A 84 21.89 -24.84 -5.37
C PHE A 84 20.66 -25.10 -4.56
N VAL A 85 20.81 -25.85 -3.46
CA VAL A 85 19.71 -26.11 -2.54
C VAL A 85 19.82 -25.02 -1.50
N VAL A 86 18.74 -24.22 -1.40
CA VAL A 86 18.77 -23.00 -0.56
C VAL A 86 17.82 -23.15 0.59
N PRO A 87 18.33 -23.45 1.80
CA PRO A 87 17.46 -23.63 2.97
C PRO A 87 16.86 -22.28 3.40
N HIS A 88 15.60 -22.32 3.76
CA HIS A 88 14.86 -21.07 4.14
C HIS A 88 13.75 -21.40 5.09
N SER A 89 13.21 -20.37 5.74
CA SER A 89 12.15 -20.52 6.70
C SER A 89 11.26 -19.29 6.56
N HIS A 90 10.01 -19.49 6.18
CA HIS A 90 9.12 -18.35 5.98
C HIS A 90 8.50 -17.95 7.30
N ASN A 91 8.83 -16.74 7.76
CA ASN A 91 8.39 -16.33 9.11
C ASN A 91 7.47 -15.13 9.03
N ASP A 92 6.21 -15.38 9.11
CA ASP A 92 5.25 -14.28 9.02
C ASP A 92 5.21 -13.42 10.25
N PRO A 93 5.38 -12.11 10.11
CA PRO A 93 5.30 -11.15 11.24
C PRO A 93 3.84 -10.91 11.59
N GLY A 94 3.20 -11.98 12.05
CA GLY A 94 1.78 -12.00 12.36
C GLY A 94 0.99 -12.73 11.28
N TRP A 95 0.07 -13.62 11.71
CA TRP A 95 -0.85 -14.28 10.80
C TRP A 95 -1.88 -15.01 11.68
N ILE A 96 -1.55 -16.22 12.13
CA ILE A 96 -2.39 -17.02 13.06
C ILE A 96 -2.01 -16.64 14.48
N GLN A 97 -0.81 -16.13 14.70
CA GLN A 97 -0.37 -15.63 16.00
C GLN A 97 0.14 -14.20 15.77
N THR A 98 0.28 -13.42 16.82
CA THR A 98 0.86 -12.08 16.67
C THR A 98 2.37 -12.20 16.44
N PHE A 99 2.95 -11.09 16.01
CA PHE A 99 4.39 -11.02 15.87
C PHE A 99 5.08 -11.53 17.15
N GLU A 100 4.69 -11.01 18.30
CA GLU A 100 5.39 -11.40 19.51
C GLU A 100 5.13 -12.84 19.89
N GLU A 101 3.92 -13.35 19.68
CA GLU A 101 3.66 -14.75 19.95
C GLU A 101 4.48 -15.65 19.07
N TYR A 102 4.56 -15.36 17.76
CA TYR A 102 5.42 -16.19 16.92
C TYR A 102 6.87 -16.05 17.32
N TYR A 103 7.29 -14.83 17.69
CA TYR A 103 8.67 -14.69 18.07
C TYR A 103 9.03 -15.59 19.25
N GLN A 104 8.15 -15.59 20.24
CA GLN A 104 8.43 -16.37 21.48
C GLN A 104 8.27 -17.85 21.22
N HIS A 105 7.31 -18.25 20.42
CA HIS A 105 7.05 -19.72 20.23
C HIS A 105 7.86 -20.35 19.17
N ASP A 106 8.24 -19.58 18.14
CA ASP A 106 8.91 -20.14 16.98
C ASP A 106 10.18 -19.47 16.52
N THR A 107 10.09 -18.17 16.19
CA THR A 107 11.19 -17.52 15.51
C THR A 107 12.45 -17.38 16.34
N LYS A 108 12.31 -17.13 17.63
CA LYS A 108 13.56 -16.99 18.38
C LYS A 108 14.33 -18.33 18.43
N HIS A 109 13.58 -19.42 18.39
CA HIS A 109 14.20 -20.75 18.37
C HIS A 109 14.83 -21.05 17.02
N ILE A 110 14.15 -20.64 15.93
CA ILE A 110 14.72 -20.81 14.61
C ILE A 110 16.02 -20.06 14.48
N LEU A 111 16.03 -18.82 14.93
CA LEU A 111 17.25 -18.05 14.78
C LEU A 111 18.36 -18.51 15.69
N SER A 112 18.01 -18.92 16.90
CA SER A 112 19.05 -19.39 17.83
C SER A 112 19.64 -20.71 17.31
N ASN A 113 18.78 -21.59 16.77
CA ASN A 113 19.32 -22.82 16.24
C ASN A 113 19.99 -22.63 14.92
N ALA A 114 19.60 -21.63 14.11
CA ALA A 114 20.32 -21.38 12.86
C ALA A 114 21.73 -20.88 13.24
N LEU A 115 21.85 -20.05 14.28
CA LEU A 115 23.15 -19.56 14.64
C LEU A 115 24.06 -20.75 15.06
N ARG A 116 23.52 -21.61 15.89
CA ARG A 116 24.33 -22.73 16.32
C ARG A 116 24.68 -23.70 15.18
N HIS A 117 23.68 -24.08 14.39
CA HIS A 117 23.94 -25.03 13.34
C HIS A 117 24.79 -24.55 12.21
N LEU A 118 24.65 -23.27 11.85
CA LEU A 118 25.50 -22.72 10.82
C LEU A 118 26.92 -22.55 11.36
N HIS A 119 27.02 -22.09 12.59
CA HIS A 119 28.38 -21.98 13.15
C HIS A 119 29.11 -23.35 13.12
N ASP A 120 28.39 -24.38 13.52
CA ASP A 120 29.00 -25.72 13.61
C ASP A 120 29.15 -26.50 12.31
N ASN A 121 28.50 -26.11 11.22
CA ASN A 121 28.52 -26.83 9.94
C ASN A 121 28.83 -25.82 8.90
N PRO A 122 30.10 -25.57 8.65
CA PRO A 122 30.51 -24.55 7.68
C PRO A 122 29.97 -24.55 6.27
N GLU A 123 29.55 -25.71 5.75
CA GLU A 123 29.00 -25.76 4.40
C GLU A 123 27.49 -25.53 4.37
N MET A 124 26.83 -25.55 5.52
CA MET A 124 25.39 -25.33 5.56
C MET A 124 25.13 -23.83 5.31
N LYS A 125 23.99 -23.55 4.67
CA LYS A 125 23.61 -22.18 4.31
C LYS A 125 22.16 -21.96 4.71
N PHE A 126 21.75 -20.67 4.76
CA PHE A 126 20.37 -20.33 5.16
C PHE A 126 20.14 -18.90 4.69
N ILE A 127 18.93 -18.65 4.25
CA ILE A 127 18.58 -17.26 3.85
C ILE A 127 17.50 -16.71 4.77
N TRP A 128 17.54 -15.40 5.00
CA TRP A 128 16.56 -14.81 5.94
C TRP A 128 16.02 -13.54 5.30
N ALA A 129 14.70 -13.39 5.38
CA ALA A 129 14.03 -12.23 4.76
C ALA A 129 13.49 -11.16 5.72
N GLU A 130 12.89 -11.56 6.83
CA GLU A 130 12.07 -10.57 7.64
C GLU A 130 12.94 -9.93 8.72
N ILE A 131 13.38 -8.68 8.50
CA ILE A 131 14.31 -8.05 9.44
C ILE A 131 13.60 -7.62 10.70
N SER A 132 12.29 -7.44 10.70
CA SER A 132 11.60 -7.13 11.97
C SER A 132 11.91 -8.25 12.99
N TYR A 133 11.82 -9.50 12.61
CA TYR A 133 12.15 -10.59 13.54
C TYR A 133 13.64 -10.64 13.81
N PHE A 134 14.48 -10.40 12.81
CA PHE A 134 15.91 -10.53 13.05
C PHE A 134 16.40 -9.49 14.04
N ALA A 135 15.90 -8.25 13.90
CA ALA A 135 16.29 -7.17 14.81
C ALA A 135 15.74 -7.53 16.22
N ARG A 136 14.53 -8.06 16.32
CA ARG A 136 13.93 -8.43 17.61
C ARG A 136 14.82 -9.47 18.29
N PHE A 137 15.41 -10.39 17.55
CA PHE A 137 16.27 -11.44 18.06
C PHE A 137 17.64 -10.91 18.42
N TYR A 138 18.25 -10.19 17.48
CA TYR A 138 19.60 -9.71 17.64
C TYR A 138 19.78 -8.80 18.84
N HIS A 139 18.83 -7.94 19.12
CA HIS A 139 19.04 -7.05 20.24
C HIS A 139 18.88 -7.79 21.58
N ASP A 140 18.39 -9.02 21.57
CA ASP A 140 18.27 -9.80 22.81
C ASP A 140 19.49 -10.73 22.97
N LEU A 141 20.36 -10.81 21.99
CA LEU A 141 21.58 -11.61 22.06
C LEU A 141 22.70 -10.98 22.86
N GLY A 142 23.41 -11.84 23.59
CA GLY A 142 24.60 -11.38 24.27
C GLY A 142 25.69 -11.09 23.23
N GLU A 143 26.68 -10.30 23.62
CA GLU A 143 27.75 -9.92 22.72
C GLU A 143 28.49 -11.10 22.10
N ASN A 144 28.73 -12.17 22.84
CA ASN A 144 29.46 -13.28 22.24
C ASN A 144 28.67 -13.84 21.03
N LYS A 145 27.36 -13.98 21.20
CA LYS A 145 26.51 -14.51 20.14
C LYS A 145 26.32 -13.48 19.01
N LYS A 146 26.27 -12.19 19.34
CA LYS A 146 26.20 -11.17 18.27
C LYS A 146 27.42 -11.32 17.40
N LEU A 147 28.59 -11.51 18.00
CA LEU A 147 29.81 -11.69 17.22
C LEU A 147 29.76 -12.98 16.38
N GLN A 148 29.28 -14.08 16.94
CA GLN A 148 29.15 -15.30 16.18
C GLN A 148 28.19 -15.04 14.98
N MET A 149 27.11 -14.29 15.23
CA MET A 149 26.12 -14.04 14.15
C MET A 149 26.77 -13.24 13.06
N LYS A 150 27.54 -12.23 13.41
CA LYS A 150 28.18 -11.41 12.41
C LYS A 150 29.14 -12.22 11.60
N SER A 151 29.79 -13.19 12.22
CA SER A 151 30.76 -14.03 11.52
C SER A 151 30.11 -14.96 10.48
N ILE A 152 28.94 -15.52 10.78
CA ILE A 152 28.28 -16.36 9.79
C ILE A 152 27.62 -15.54 8.67
N VAL A 153 27.36 -14.26 8.91
CA VAL A 153 26.89 -13.38 7.84
C VAL A 153 28.08 -12.96 6.98
N LYS A 154 29.16 -12.53 7.65
CA LYS A 154 30.32 -12.10 6.91
C LYS A 154 30.91 -13.23 6.04
N ASN A 155 30.88 -14.47 6.50
CA ASN A 155 31.42 -15.57 5.68
C ASN A 155 30.41 -16.15 4.68
N GLY A 156 29.23 -15.56 4.59
CA GLY A 156 28.27 -16.01 3.56
C GLY A 156 27.40 -17.19 3.87
N GLN A 157 27.41 -17.73 5.09
CA GLN A 157 26.55 -18.86 5.39
C GLN A 157 25.09 -18.42 5.62
N LEU A 158 24.93 -17.30 6.34
CA LEU A 158 23.59 -16.73 6.55
C LEU A 158 23.56 -15.53 5.61
N GLU A 159 22.54 -15.51 4.77
CA GLU A 159 22.42 -14.39 3.80
C GLU A 159 21.05 -13.78 3.89
N PHE A 160 21.03 -12.46 4.01
CA PHE A 160 19.75 -11.75 4.04
C PHE A 160 19.30 -11.54 2.60
N VAL A 161 18.02 -11.80 2.40
CA VAL A 161 17.36 -11.63 1.12
C VAL A 161 16.31 -10.56 1.29
N THR A 162 16.35 -9.63 0.34
CA THR A 162 15.54 -8.38 0.37
C THR A 162 15.99 -7.45 1.51
N GLY A 163 15.80 -7.91 2.72
CA GLY A 163 16.25 -7.09 3.84
C GLY A 163 15.24 -6.06 4.26
N GLY A 164 13.98 -6.23 3.85
CA GLY A 164 12.96 -5.32 4.37
C GLY A 164 12.48 -5.72 5.75
N TRP A 165 11.84 -4.79 6.45
CA TRP A 165 11.27 -5.11 7.75
C TRP A 165 10.35 -6.32 7.64
N VAL A 166 9.64 -6.41 6.51
CA VAL A 166 8.72 -7.52 6.24
C VAL A 166 8.86 -7.93 4.78
N MET A 167 8.05 -8.92 4.37
CA MET A 167 7.90 -9.30 2.92
C MET A 167 6.49 -8.71 2.66
N PRO A 168 6.45 -7.52 2.07
CA PRO A 168 5.16 -6.88 1.94
C PRO A 168 4.18 -7.36 0.95
N ASP A 169 2.91 -7.15 1.31
CA ASP A 169 1.87 -7.26 0.29
C ASP A 169 2.28 -6.35 -0.87
N GLU A 170 1.93 -6.74 -2.08
CA GLU A 170 2.25 -5.94 -3.28
C GLU A 170 0.95 -5.38 -3.91
N ALA A 171 -0.22 -5.74 -3.42
CA ALA A 171 -1.48 -5.26 -4.00
C ALA A 171 -2.02 -3.99 -3.37
N ASN A 172 -2.09 -4.00 -2.05
CA ASN A 172 -2.76 -2.86 -1.33
C ASN A 172 -1.77 -1.84 -0.84
N SER A 173 -0.50 -2.21 -0.77
CA SER A 173 0.53 -1.33 -0.18
C SER A 173 0.80 -0.12 -1.03
N HIS A 174 0.97 1.02 -0.40
CA HIS A 174 1.40 2.20 -1.16
C HIS A 174 2.91 2.10 -1.40
N TRP A 175 3.41 2.53 -2.54
CA TRP A 175 4.85 2.47 -2.79
C TRP A 175 5.63 3.21 -1.71
N ARG A 176 5.07 4.29 -1.17
CA ARG A 176 5.84 5.00 -0.15
C ARG A 176 6.08 4.10 1.06
N ASN A 177 5.12 3.26 1.41
CA ASN A 177 5.31 2.37 2.54
C ASN A 177 6.10 1.13 2.21
N VAL A 178 6.09 0.72 0.97
CA VAL A 178 6.96 -0.39 0.57
C VAL A 178 8.38 0.17 0.73
N LEU A 179 8.64 1.40 0.30
CA LEU A 179 9.98 1.93 0.45
C LEU A 179 10.29 2.14 1.92
N LEU A 180 9.34 2.60 2.74
CA LEU A 180 9.60 2.84 4.18
C LEU A 180 10.07 1.55 4.82
N GLN A 181 9.36 0.45 4.56
CA GLN A 181 9.73 -0.79 5.27
C GLN A 181 11.03 -1.38 4.73
N LEU A 182 11.28 -1.21 3.42
CA LEU A 182 12.57 -1.67 2.87
C LEU A 182 13.70 -0.90 3.53
N THR A 183 13.53 0.40 3.66
CA THR A 183 14.56 1.26 4.25
C THR A 183 14.70 0.92 5.71
N GLU A 184 13.65 0.59 6.44
CA GLU A 184 13.79 0.32 7.87
C GLU A 184 14.64 -0.94 8.03
N GLY A 185 14.34 -1.99 7.28
CA GLY A 185 15.12 -3.21 7.43
C GLY A 185 16.53 -3.02 6.91
N GLN A 186 16.74 -2.35 5.77
CA GLN A 186 18.11 -2.29 5.23
C GLN A 186 18.94 -1.35 6.06
N THR A 187 18.37 -0.29 6.64
CA THR A 187 19.16 0.60 7.49
C THR A 187 19.63 -0.18 8.71
N TRP A 188 18.79 -1.01 9.29
CA TRP A 188 19.19 -1.86 10.43
C TRP A 188 20.29 -2.82 9.96
N LEU A 189 20.15 -3.45 8.82
CA LEU A 189 21.21 -4.39 8.36
C LEU A 189 22.49 -3.66 8.11
N LYS A 190 22.49 -2.47 7.56
CA LYS A 190 23.75 -1.81 7.32
C LYS A 190 24.42 -1.48 8.65
N GLN A 191 23.66 -0.98 9.60
CA GLN A 191 24.21 -0.57 10.87
C GLN A 191 24.72 -1.72 11.67
N PHE A 192 24.00 -2.81 11.75
CA PHE A 192 24.41 -3.89 12.63
C PHE A 192 25.09 -5.07 12.00
N MET A 193 24.82 -5.35 10.73
CA MET A 193 25.39 -6.50 10.03
C MET A 193 26.35 -6.11 8.94
N ASN A 194 26.41 -4.83 8.62
CA ASN A 194 27.25 -4.33 7.57
C ASN A 194 27.02 -5.00 6.21
N VAL A 195 25.75 -5.21 5.86
CA VAL A 195 25.47 -5.77 4.55
C VAL A 195 24.20 -5.09 4.03
N THR A 196 24.11 -5.06 2.71
CA THR A 196 22.94 -4.51 1.99
C THR A 196 22.59 -5.53 0.91
N PRO A 197 21.49 -6.28 1.07
CA PRO A 197 21.09 -7.26 0.06
C PRO A 197 20.86 -6.64 -1.29
N THR A 198 21.23 -7.37 -2.34
CA THR A 198 20.98 -6.95 -3.72
C THR A 198 20.09 -7.96 -4.45
N ALA A 199 19.64 -8.99 -3.74
CA ALA A 199 18.69 -9.98 -4.28
C ALA A 199 17.47 -9.99 -3.38
N SER A 200 16.30 -9.98 -3.97
CA SER A 200 15.02 -9.97 -3.28
C SER A 200 14.34 -11.31 -3.38
N TRP A 201 13.66 -11.71 -2.32
CA TRP A 201 12.93 -12.98 -2.17
C TRP A 201 11.53 -12.67 -1.73
N ALA A 202 10.57 -12.91 -2.63
CA ALA A 202 9.15 -12.66 -2.32
C ALA A 202 8.33 -13.87 -2.70
N ILE A 203 8.32 -14.83 -1.78
CA ILE A 203 7.66 -16.15 -2.08
C ILE A 203 6.20 -16.20 -1.71
N ASP A 204 5.69 -15.24 -0.89
CA ASP A 204 4.33 -15.34 -0.46
C ASP A 204 3.31 -14.25 -0.78
N PRO A 205 3.71 -13.00 -1.21
CA PRO A 205 2.62 -12.02 -1.52
C PRO A 205 1.67 -12.61 -2.55
N PHE A 206 0.39 -12.23 -2.45
CA PHE A 206 -0.64 -12.95 -3.27
C PHE A 206 -0.84 -12.25 -4.63
N GLY A 207 0.14 -12.52 -5.48
CA GLY A 207 0.29 -11.83 -6.73
C GLY A 207 1.40 -10.77 -6.59
N HIS A 208 1.90 -10.28 -7.71
CA HIS A 208 3.10 -9.42 -7.72
C HIS A 208 2.98 -8.21 -8.58
N SER A 209 3.60 -7.12 -8.09
CA SER A 209 3.54 -5.81 -8.71
C SER A 209 4.86 -5.32 -9.24
N PRO A 210 4.86 -4.64 -10.40
CA PRO A 210 6.10 -4.11 -10.96
C PRO A 210 6.59 -2.95 -10.10
N THR A 211 5.79 -2.45 -9.12
CA THR A 211 6.35 -1.45 -8.22
C THR A 211 7.57 -2.01 -7.47
N MET A 212 7.57 -3.33 -7.23
CA MET A 212 8.73 -3.89 -6.53
C MET A 212 10.03 -3.73 -7.30
N PRO A 213 10.14 -4.23 -8.54
CA PRO A 213 11.43 -3.99 -9.23
C PRO A 213 11.70 -2.51 -9.40
N TYR A 214 10.63 -1.67 -9.53
CA TYR A 214 10.87 -0.22 -9.69
C TYR A 214 11.68 0.27 -8.46
N ILE A 215 11.20 -0.01 -7.25
CA ILE A 215 11.85 0.45 -6.02
C ILE A 215 13.20 -0.28 -5.83
N LEU A 216 13.20 -1.58 -6.05
CA LEU A 216 14.43 -2.35 -5.81
C LEU A 216 15.55 -1.92 -6.73
N GLN A 217 15.25 -1.73 -8.02
CA GLN A 217 16.30 -1.33 -8.93
C GLN A 217 16.87 0.03 -8.58
N LYS A 218 16.08 0.92 -7.99
CA LYS A 218 16.58 2.24 -7.57
C LYS A 218 17.15 2.18 -6.14
N SER A 219 17.22 0.99 -5.56
CA SER A 219 17.78 0.76 -4.24
C SER A 219 18.97 -0.24 -4.28
N GLY A 220 19.62 -0.30 -5.44
CA GLY A 220 20.84 -1.10 -5.59
C GLY A 220 20.64 -2.55 -5.94
N PHE A 221 19.40 -3.04 -6.09
CA PHE A 221 19.25 -4.46 -6.35
C PHE A 221 19.62 -4.83 -7.78
N LYS A 222 19.98 -6.09 -7.88
CA LYS A 222 20.34 -6.69 -9.16
C LYS A 222 19.45 -7.84 -9.53
N ASN A 223 18.73 -8.45 -8.58
CA ASN A 223 17.93 -9.62 -8.90
C ASN A 223 16.77 -9.70 -7.97
N MET A 224 15.69 -10.36 -8.42
CA MET A 224 14.55 -10.61 -7.53
C MET A 224 13.87 -11.94 -7.91
N LEU A 225 13.15 -12.49 -6.93
CA LEU A 225 12.46 -13.75 -7.12
C LEU A 225 11.01 -13.57 -6.65
N ILE A 226 10.10 -14.15 -7.41
CA ILE A 226 8.65 -14.14 -7.11
C ILE A 226 8.10 -15.54 -7.23
N GLN A 227 6.92 -15.79 -6.65
CA GLN A 227 6.30 -17.10 -6.62
C GLN A 227 4.82 -17.11 -6.92
N ARG A 228 4.00 -16.29 -6.29
CA ARG A 228 2.57 -16.47 -6.48
C ARG A 228 2.06 -15.74 -7.67
N THR A 229 2.07 -16.44 -8.81
CA THR A 229 1.52 -15.93 -10.03
C THR A 229 0.52 -17.02 -10.49
N HIS A 230 -0.43 -16.56 -11.29
CA HIS A 230 -1.50 -17.45 -11.76
C HIS A 230 -0.92 -18.72 -12.38
N TYR A 231 -1.56 -19.85 -12.03
CA TYR A 231 -1.04 -21.11 -12.54
C TYR A 231 -1.01 -21.16 -14.06
N SER A 232 -1.90 -20.46 -14.71
CA SER A 232 -1.86 -20.46 -16.20
C SER A 232 -0.69 -19.68 -16.73
N VAL A 233 -0.29 -18.61 -16.03
CA VAL A 233 0.88 -17.86 -16.42
C VAL A 233 2.16 -18.70 -16.21
N LYS A 234 2.27 -19.39 -15.08
CA LYS A 234 3.44 -20.26 -14.91
C LYS A 234 3.51 -21.25 -16.06
N LYS A 235 2.38 -21.86 -16.45
CA LYS A 235 2.45 -22.86 -17.53
C LYS A 235 2.88 -22.20 -18.82
N GLU A 236 2.32 -21.08 -19.19
CA GLU A 236 2.66 -20.40 -20.43
C GLU A 236 4.12 -19.98 -20.46
N LEU A 237 4.59 -19.31 -19.41
CA LEU A 237 5.97 -18.88 -19.40
C LEU A 237 6.91 -20.10 -19.32
N ALA A 238 6.54 -21.14 -18.60
CA ALA A 238 7.42 -22.28 -18.55
C ALA A 238 7.61 -22.91 -19.94
N GLN A 239 6.53 -22.98 -20.71
CA GLN A 239 6.65 -23.63 -22.03
C GLN A 239 7.62 -22.89 -22.91
N GLN A 240 7.76 -21.58 -22.73
CA GLN A 240 8.67 -20.76 -23.54
C GLN A 240 10.00 -20.46 -22.84
N ARG A 241 10.21 -21.09 -21.69
CA ARG A 241 11.39 -20.77 -20.88
C ARG A 241 11.53 -19.27 -20.65
N GLN A 242 10.39 -18.67 -20.24
CA GLN A 242 10.36 -17.22 -19.96
C GLN A 242 10.08 -16.98 -18.47
N LEU A 243 10.47 -17.93 -17.61
CA LEU A 243 10.28 -17.77 -16.16
C LEU A 243 11.35 -16.86 -15.60
N GLU A 244 12.46 -16.62 -16.29
CA GLU A 244 13.47 -15.65 -15.88
C GLU A 244 13.40 -14.60 -16.94
N PHE A 245 13.28 -13.36 -16.50
CA PHE A 245 13.11 -12.26 -17.45
C PHE A 245 13.61 -10.94 -16.89
N LEU A 246 13.80 -9.96 -17.75
CA LEU A 246 14.23 -8.63 -17.34
C LEU A 246 12.95 -7.84 -17.23
N TRP A 247 12.54 -7.61 -15.99
CA TRP A 247 11.24 -6.97 -15.74
C TRP A 247 11.40 -5.47 -15.75
N ARG A 248 10.84 -4.83 -16.80
CA ARG A 248 10.91 -3.37 -16.88
C ARG A 248 9.52 -2.77 -16.66
N GLN A 249 9.50 -1.45 -16.38
CA GLN A 249 8.20 -0.80 -16.20
C GLN A 249 7.45 -0.69 -17.53
N ILE A 250 6.13 -0.64 -17.42
CA ILE A 250 5.29 -0.64 -18.62
C ILE A 250 5.54 0.53 -19.54
N TRP A 251 6.04 1.64 -19.05
CA TRP A 251 6.26 2.79 -19.94
C TRP A 251 7.71 2.94 -20.36
N ASP A 252 8.59 2.04 -19.93
CA ASP A 252 10.02 2.18 -20.15
C ASP A 252 10.48 1.68 -21.48
N ASN A 253 10.66 2.61 -22.41
CA ASN A 253 11.06 2.26 -23.75
C ASN A 253 12.50 1.76 -23.86
N LYS A 254 13.37 2.40 -23.10
CA LYS A 254 14.81 2.09 -23.14
C LYS A 254 15.21 0.86 -22.37
N GLY A 255 14.54 0.63 -21.25
CA GLY A 255 14.85 -0.54 -20.41
C GLY A 255 15.72 -0.19 -19.21
N ASP A 256 15.96 1.06 -18.88
CA ASP A 256 16.81 1.34 -17.72
C ASP A 256 16.24 0.94 -16.38
N THR A 257 14.92 0.69 -16.33
CA THR A 257 14.32 0.24 -15.07
C THR A 257 14.40 -1.28 -14.90
N ALA A 258 14.89 -2.01 -15.91
CA ALA A 258 14.88 -3.45 -15.87
C ALA A 258 15.56 -4.08 -14.70
N LEU A 259 14.94 -5.12 -14.15
CA LEU A 259 15.54 -5.90 -13.03
C LEU A 259 15.35 -7.34 -13.35
N PHE A 260 16.43 -8.12 -13.28
CA PHE A 260 16.34 -9.56 -13.53
C PHE A 260 15.46 -10.23 -12.51
N THR A 261 14.48 -11.01 -12.99
CA THR A 261 13.50 -11.62 -12.13
C THR A 261 13.39 -13.11 -12.41
N HIS A 262 13.32 -13.89 -11.34
CA HIS A 262 13.12 -15.32 -11.43
C HIS A 262 11.72 -15.63 -10.86
N MET A 263 10.85 -16.19 -11.69
CA MET A 263 9.57 -16.65 -11.21
C MET A 263 9.67 -18.16 -10.97
N MET A 264 9.33 -18.62 -9.77
CA MET A 264 9.31 -20.05 -9.45
C MET A 264 8.19 -20.66 -10.30
N PRO A 265 8.35 -21.94 -10.70
CA PRO A 265 7.37 -22.57 -11.58
C PRO A 265 6.17 -23.28 -11.11
N PHE A 266 6.17 -23.64 -9.85
CA PHE A 266 5.21 -24.57 -9.31
C PHE A 266 4.18 -23.97 -8.38
N TYR A 267 3.34 -24.80 -7.84
CA TYR A 267 2.17 -24.31 -7.10
C TYR A 267 2.52 -23.68 -5.77
N SER A 268 3.59 -24.08 -5.15
CA SER A 268 3.93 -23.55 -3.83
C SER A 268 5.41 -23.44 -3.66
N TYR A 269 5.81 -22.77 -2.57
CA TYR A 269 7.23 -22.72 -2.23
C TYR A 269 7.65 -23.79 -1.22
N ASP A 270 6.72 -24.68 -0.85
CA ASP A 270 7.10 -25.76 0.10
C ASP A 270 7.97 -26.83 -0.61
N ILE A 271 8.56 -27.75 0.19
CA ILE A 271 9.49 -28.73 -0.37
C ILE A 271 8.81 -29.58 -1.45
N PRO A 272 7.57 -30.02 -1.24
CA PRO A 272 6.92 -30.83 -2.29
C PRO A 272 6.82 -30.13 -3.63
N HIS A 273 6.80 -28.78 -3.65
CA HIS A 273 6.65 -28.06 -4.92
C HIS A 273 7.85 -27.27 -5.32
N THR A 274 9.02 -27.69 -4.79
CA THR A 274 10.25 -26.98 -5.14
C THR A 274 11.38 -27.88 -5.63
N CYS A 275 11.28 -29.21 -5.49
CA CYS A 275 12.40 -30.01 -6.01
C CYS A 275 12.23 -30.34 -7.51
N GLY A 276 10.99 -30.25 -7.99
CA GLY A 276 10.69 -30.73 -9.32
C GLY A 276 9.20 -30.75 -9.49
N PRO A 277 8.68 -31.23 -10.63
CA PRO A 277 7.27 -31.27 -10.94
C PRO A 277 6.34 -32.21 -10.22
N ASP A 278 6.89 -33.25 -9.59
CA ASP A 278 6.04 -34.27 -8.95
C ASP A 278 6.11 -34.18 -7.43
N PRO A 279 5.07 -33.60 -6.83
CA PRO A 279 5.11 -33.48 -5.37
C PRO A 279 5.14 -34.75 -4.61
N LYS A 280 4.62 -35.84 -5.19
CA LYS A 280 4.68 -37.13 -4.51
C LYS A 280 6.11 -37.46 -4.09
N VAL A 281 6.97 -37.25 -5.20
CA VAL A 281 8.41 -37.52 -5.17
C VAL A 281 9.12 -36.47 -4.26
N CYS A 282 8.87 -35.17 -4.53
CA CYS A 282 9.59 -34.15 -3.75
C CYS A 282 9.27 -34.21 -2.27
N CYS A 283 8.05 -34.61 -1.95
CA CYS A 283 7.70 -34.70 -0.54
C CYS A 283 8.61 -35.69 0.20
N GLN A 284 9.15 -36.70 -0.52
CA GLN A 284 10.03 -37.68 0.09
C GLN A 284 11.39 -37.13 0.42
N PHE A 285 11.64 -35.86 0.03
CA PHE A 285 12.91 -35.22 0.29
C PHE A 285 12.72 -34.06 1.28
N ASP A 286 11.58 -34.07 1.95
CA ASP A 286 11.36 -33.13 3.07
C ASP A 286 11.56 -34.01 4.31
N PHE A 287 12.75 -34.03 4.89
CA PHE A 287 13.01 -34.98 5.95
C PHE A 287 12.38 -34.70 7.27
N LYS A 288 11.60 -33.60 7.34
CA LYS A 288 10.82 -33.33 8.53
C LYS A 288 9.49 -34.11 8.51
N ARG A 289 9.19 -34.86 7.42
CA ARG A 289 7.91 -35.51 7.33
C ARG A 289 7.87 -37.03 7.59
N MET A 290 8.81 -37.55 8.38
CA MET A 290 8.81 -39.01 8.64
C MET A 290 7.94 -39.45 9.83
N GLY A 291 7.47 -38.46 10.61
CA GLY A 291 6.53 -38.76 11.68
C GLY A 291 6.72 -38.09 13.05
N SER A 292 7.95 -38.05 13.53
CA SER A 292 8.22 -37.53 14.86
C SER A 292 7.96 -36.02 15.04
N PHE A 293 7.86 -35.29 13.92
CA PHE A 293 7.55 -33.87 13.97
C PHE A 293 6.08 -33.58 13.74
N GLY A 294 5.26 -34.62 13.66
CA GLY A 294 3.86 -34.40 13.41
C GLY A 294 3.49 -33.96 11.98
N LEU A 295 4.38 -34.21 11.03
CA LEU A 295 4.11 -33.88 9.65
C LEU A 295 4.18 -35.17 8.86
N SER A 296 3.49 -35.17 7.74
CA SER A 296 3.46 -36.36 6.87
C SER A 296 3.32 -35.88 5.44
N CYS A 297 3.32 -36.79 4.46
CA CYS A 297 3.20 -36.50 3.02
C CYS A 297 1.79 -36.85 2.59
N PRO A 298 1.04 -35.90 2.11
CA PRO A 298 -0.34 -36.20 1.68
C PRO A 298 -0.39 -37.11 0.48
N TRP A 299 0.72 -37.24 -0.23
CA TRP A 299 0.72 -38.11 -1.45
C TRP A 299 0.97 -39.54 -1.00
N LYS A 300 1.05 -39.75 0.31
CA LYS A 300 1.13 -41.08 0.92
C LYS A 300 2.42 -41.87 0.81
N VAL A 301 3.51 -41.26 0.36
CA VAL A 301 4.78 -41.94 0.35
C VAL A 301 5.66 -41.08 1.26
N PRO A 302 6.15 -41.63 2.36
CA PRO A 302 6.96 -40.84 3.26
C PRO A 302 8.40 -40.75 2.89
N PRO A 303 9.12 -39.76 3.45
CA PRO A 303 10.55 -39.69 3.18
C PRO A 303 11.16 -40.90 3.90
N ARG A 304 12.33 -41.32 3.45
CA ARG A 304 13.07 -42.36 4.13
C ARG A 304 14.48 -41.86 4.32
N THR A 305 15.04 -42.15 5.48
CA THR A 305 16.39 -41.75 5.80
C THR A 305 17.32 -42.25 4.73
N ILE A 306 18.24 -41.41 4.28
CA ILE A 306 19.18 -41.81 3.23
C ILE A 306 20.27 -42.67 3.88
N SER A 307 20.61 -43.79 3.21
CA SER A 307 21.63 -44.75 3.71
C SER A 307 22.45 -45.13 2.51
N ASP A 308 23.54 -45.87 2.76
CA ASP A 308 24.34 -46.35 1.63
C ASP A 308 23.54 -47.35 0.77
N GLN A 309 22.52 -48.04 1.30
CA GLN A 309 21.69 -49.02 0.54
C GLN A 309 20.62 -48.41 -0.30
N ASN A 310 20.26 -47.16 -0.04
CA ASN A 310 19.21 -46.61 -0.85
C ASN A 310 19.65 -45.28 -1.52
N VAL A 311 20.86 -44.85 -1.28
CA VAL A 311 21.22 -43.47 -1.77
C VAL A 311 21.24 -43.46 -3.29
N ALA A 312 21.62 -44.56 -3.93
CA ALA A 312 21.65 -44.50 -5.39
C ALA A 312 20.24 -44.40 -5.94
N ALA A 313 19.26 -45.16 -5.44
CA ALA A 313 17.90 -45.08 -5.94
C ALA A 313 17.26 -43.72 -5.57
N ARG A 314 17.51 -43.27 -4.34
CA ARG A 314 16.91 -41.97 -3.94
C ARG A 314 17.52 -40.86 -4.82
N SER A 315 18.83 -40.92 -5.09
CA SER A 315 19.49 -39.91 -5.97
C SER A 315 18.94 -40.01 -7.35
N ASP A 316 18.71 -41.21 -7.87
CA ASP A 316 18.09 -41.37 -9.21
C ASP A 316 16.77 -40.57 -9.27
N LEU A 317 15.92 -40.77 -8.25
CA LEU A 317 14.64 -40.06 -8.24
C LEU A 317 14.78 -38.55 -8.12
N LEU A 318 15.67 -38.11 -7.27
CA LEU A 318 15.81 -36.67 -7.01
C LEU A 318 16.45 -35.99 -8.20
N VAL A 319 17.54 -36.55 -8.73
CA VAL A 319 18.17 -35.92 -9.89
C VAL A 319 17.19 -35.87 -11.06
N ASP A 320 16.34 -36.88 -11.24
CA ASP A 320 15.32 -36.81 -12.32
C ASP A 320 14.38 -35.63 -12.11
N GLN A 321 13.97 -35.40 -10.86
CA GLN A 321 13.12 -34.21 -10.62
C GLN A 321 13.87 -32.93 -10.94
N TRP A 322 15.10 -32.82 -10.47
CA TRP A 322 15.92 -31.63 -10.77
C TRP A 322 16.09 -31.39 -12.26
N LYS A 323 16.35 -32.47 -13.02
CA LYS A 323 16.56 -32.27 -14.48
C LYS A 323 15.30 -31.88 -15.16
N LYS A 324 14.18 -32.35 -14.68
CA LYS A 324 12.90 -31.87 -15.22
C LYS A 324 12.69 -30.39 -14.90
N LYS A 325 12.88 -29.99 -13.64
CA LYS A 325 12.75 -28.56 -13.32
C LYS A 325 13.72 -27.74 -14.17
N ALA A 326 14.94 -28.23 -14.40
CA ALA A 326 15.92 -27.47 -15.17
C ALA A 326 15.49 -27.27 -16.64
N GLU A 327 14.64 -28.15 -17.14
CA GLU A 327 14.18 -27.97 -18.52
C GLU A 327 13.37 -26.68 -18.70
N LEU A 328 12.85 -26.11 -17.60
CA LEU A 328 11.99 -24.93 -17.69
C LEU A 328 12.80 -23.66 -17.70
N TYR A 329 14.11 -23.74 -17.57
CA TYR A 329 14.99 -22.57 -17.50
C TYR A 329 16.10 -22.62 -18.50
N ARG A 330 16.77 -21.50 -18.72
CA ARG A 330 17.75 -21.43 -19.79
C ARG A 330 19.19 -21.68 -19.47
N THR A 331 19.58 -21.67 -18.21
CA THR A 331 21.01 -21.92 -17.90
C THR A 331 21.19 -23.30 -17.29
N ASN A 332 22.45 -23.62 -17.01
CA ASN A 332 22.75 -24.87 -16.34
C ASN A 332 22.94 -24.68 -14.83
N VAL A 333 22.30 -23.64 -14.26
CA VAL A 333 22.35 -23.37 -12.82
C VAL A 333 20.90 -23.47 -12.35
N LEU A 334 20.62 -24.34 -11.36
CA LEU A 334 19.25 -24.61 -10.95
C LEU A 334 19.06 -24.22 -9.49
N LEU A 335 17.97 -23.51 -9.23
CA LEU A 335 17.64 -23.08 -7.86
C LEU A 335 16.63 -24.09 -7.25
N ILE A 336 16.96 -24.65 -6.09
CA ILE A 336 16.09 -25.54 -5.37
C ILE A 336 15.86 -25.01 -3.94
N PRO A 337 14.80 -24.24 -3.73
CA PRO A 337 14.54 -23.77 -2.36
C PRO A 337 14.26 -24.99 -1.47
N LEU A 338 14.65 -24.92 -0.20
CA LEU A 338 14.39 -26.02 0.73
C LEU A 338 13.83 -25.42 2.03
N GLY A 339 12.50 -25.33 2.10
CA GLY A 339 11.94 -24.71 3.31
C GLY A 339 10.42 -24.66 3.25
N ASP A 340 9.82 -24.02 4.26
CA ASP A 340 8.38 -23.94 4.43
C ASP A 340 8.21 -22.96 5.63
N ASP A 341 6.97 -22.85 6.05
CA ASP A 341 6.62 -21.84 7.10
C ASP A 341 7.22 -22.22 8.44
N PHE A 342 7.92 -21.27 9.04
CA PHE A 342 8.53 -21.47 10.35
C PHE A 342 9.32 -22.78 10.46
N ARG A 343 10.05 -23.09 9.38
CA ARG A 343 10.92 -24.25 9.42
C ARG A 343 12.25 -23.94 10.11
N PHE A 344 13.02 -25.01 10.27
CA PHE A 344 14.36 -24.96 10.93
C PHE A 344 14.32 -24.46 12.33
N LYS A 345 13.33 -24.98 13.06
CA LYS A 345 13.08 -24.63 14.41
C LYS A 345 13.79 -25.48 15.45
N GLN A 346 13.67 -26.78 15.29
CA GLN A 346 14.28 -27.76 16.21
C GLN A 346 15.69 -28.14 15.77
N ASN A 347 16.62 -28.35 16.71
CA ASN A 347 17.95 -28.84 16.36
C ASN A 347 17.87 -30.15 15.60
N THR A 348 16.96 -31.02 15.99
CA THR A 348 16.80 -32.29 15.31
C THR A 348 16.36 -32.09 13.86
N GLU A 349 15.60 -31.01 13.58
CA GLU A 349 15.19 -30.73 12.18
C GLU A 349 16.37 -30.26 11.36
N TRP A 350 17.20 -29.39 11.91
CA TRP A 350 18.41 -29.00 11.20
C TRP A 350 19.22 -30.24 10.84
N ASP A 351 19.39 -31.15 11.82
CA ASP A 351 20.19 -32.36 11.54
C ASP A 351 19.53 -33.25 10.52
N VAL A 352 18.23 -33.47 10.62
CA VAL A 352 17.63 -34.41 9.70
C VAL A 352 17.67 -33.89 8.26
N GLN A 353 17.47 -32.58 8.05
CA GLN A 353 17.56 -32.08 6.68
C GLN A 353 19.00 -32.04 6.22
N ARG A 354 19.92 -31.51 7.03
CA ARG A 354 21.29 -31.39 6.62
C ARG A 354 21.99 -32.73 6.35
N VAL A 355 21.87 -33.68 7.27
CA VAL A 355 22.61 -34.93 7.06
C VAL A 355 22.08 -35.70 5.87
N ASN A 356 20.77 -35.78 5.70
CA ASN A 356 20.22 -36.49 4.55
C ASN A 356 20.63 -35.83 3.24
N TYR A 357 20.60 -34.50 3.17
CA TYR A 357 21.02 -33.87 1.93
C TYR A 357 22.53 -34.00 1.72
N GLU A 358 23.32 -33.95 2.81
CA GLU A 358 24.77 -34.15 2.61
C GLU A 358 25.02 -35.57 2.02
N ARG A 359 24.24 -36.59 2.44
CA ARG A 359 24.48 -37.93 1.86
C ARG A 359 24.11 -37.95 0.40
N LEU A 360 23.03 -37.28 0.04
CA LEU A 360 22.64 -37.21 -1.34
C LEU A 360 23.70 -36.46 -2.14
N PHE A 361 24.21 -35.33 -1.67
CA PHE A 361 25.21 -34.60 -2.46
C PHE A 361 26.49 -35.44 -2.64
N GLU A 362 26.91 -36.13 -1.56
CA GLU A 362 28.17 -36.86 -1.68
C GLU A 362 28.02 -37.95 -2.78
N HIS A 363 26.88 -38.60 -2.81
CA HIS A 363 26.67 -39.62 -3.84
C HIS A 363 26.53 -39.01 -5.22
N ILE A 364 25.63 -38.05 -5.37
CA ILE A 364 25.39 -37.47 -6.66
C ILE A 364 26.60 -36.86 -7.26
N ASN A 365 27.36 -36.13 -6.49
CA ASN A 365 28.51 -35.38 -7.00
C ASN A 365 29.68 -36.28 -7.41
N SER A 366 29.63 -37.52 -6.92
CA SER A 366 30.70 -38.50 -7.21
C SER A 366 30.29 -39.46 -8.30
N GLN A 367 29.04 -39.44 -8.74
CA GLN A 367 28.55 -40.33 -9.79
C GLN A 367 28.58 -39.54 -11.09
N ALA A 368 29.67 -39.67 -11.84
CA ALA A 368 29.79 -38.89 -13.07
C ALA A 368 28.63 -38.99 -14.02
N HIS A 369 27.96 -40.15 -14.08
CA HIS A 369 26.82 -40.31 -14.99
C HIS A 369 25.66 -39.30 -14.77
N PHE A 370 25.56 -38.72 -13.57
CA PHE A 370 24.48 -37.73 -13.37
C PHE A 370 24.86 -36.36 -13.96
N ASN A 371 26.15 -36.09 -14.02
CA ASN A 371 26.67 -34.83 -14.50
C ASN A 371 26.02 -33.67 -13.76
N VAL A 372 26.01 -33.81 -12.44
CA VAL A 372 25.44 -32.80 -11.54
C VAL A 372 26.43 -32.45 -10.46
N GLN A 373 26.51 -31.17 -10.08
CA GLN A 373 27.30 -30.75 -8.92
C GLN A 373 26.27 -30.01 -8.04
N ALA A 374 25.90 -30.60 -6.92
CA ALA A 374 24.87 -30.04 -6.01
C ALA A 374 25.44 -29.63 -4.69
N GLN A 375 24.93 -28.52 -4.14
CA GLN A 375 25.42 -28.05 -2.84
C GLN A 375 24.42 -27.14 -2.21
N PHE A 376 24.55 -26.96 -0.90
CA PHE A 376 23.75 -25.89 -0.28
C PHE A 376 24.27 -24.59 -0.85
N GLY A 377 23.34 -23.65 -0.98
CA GLY A 377 23.73 -22.35 -1.48
C GLY A 377 22.80 -21.28 -0.94
N THR A 378 23.16 -20.05 -1.31
CA THR A 378 22.30 -18.90 -0.97
C THR A 378 21.67 -18.39 -2.26
N LEU A 379 20.74 -17.44 -2.10
CA LEU A 379 20.07 -16.87 -3.25
C LEU A 379 21.01 -16.09 -4.12
N GLN A 380 21.88 -15.26 -3.53
CA GLN A 380 22.82 -14.48 -4.32
C GLN A 380 23.78 -15.43 -5.06
N GLU A 381 24.16 -16.55 -4.43
CA GLU A 381 25.05 -17.46 -5.11
C GLU A 381 24.36 -18.01 -6.39
N TYR A 382 23.07 -18.35 -6.28
CA TYR A 382 22.34 -18.76 -7.45
C TYR A 382 22.39 -17.70 -8.58
N PHE A 383 21.99 -16.47 -8.24
CA PHE A 383 21.96 -15.43 -9.25
C PHE A 383 23.36 -15.14 -9.82
N ASP A 384 24.37 -15.12 -8.97
CA ASP A 384 25.72 -14.87 -9.50
C ASP A 384 26.10 -15.94 -10.51
N ALA A 385 25.76 -17.19 -10.27
CA ALA A 385 26.10 -18.25 -11.22
C ALA A 385 25.25 -18.15 -12.47
N VAL A 386 23.96 -17.78 -12.35
CA VAL A 386 23.17 -17.60 -13.57
C VAL A 386 23.77 -16.50 -14.45
N HIS A 387 24.14 -15.38 -13.86
CA HIS A 387 24.73 -14.30 -14.69
C HIS A 387 26.12 -14.63 -15.23
N GLN A 388 26.87 -15.48 -14.53
CA GLN A 388 28.16 -15.97 -15.09
C GLN A 388 27.83 -16.77 -16.35
N ALA A 389 26.80 -17.59 -16.32
CA ALA A 389 26.36 -18.40 -17.50
C ALA A 389 25.95 -17.47 -18.63
N GLU A 390 25.17 -16.44 -18.32
CA GLU A 390 24.70 -15.45 -19.30
C GLU A 390 25.91 -14.72 -19.93
N ARG A 391 26.86 -14.31 -19.11
CA ARG A 391 28.04 -13.63 -19.66
C ARG A 391 28.87 -14.63 -20.52
N ALA A 392 28.82 -15.91 -20.20
CA ALA A 392 29.58 -16.89 -21.00
C ALA A 392 28.82 -17.13 -22.33
N GLY A 393 27.67 -16.45 -22.53
CA GLY A 393 26.94 -16.62 -23.77
C GLY A 393 26.06 -17.84 -23.76
N GLN A 394 25.82 -18.42 -22.59
CA GLN A 394 24.99 -19.60 -22.63
C GLN A 394 23.49 -19.37 -22.65
N ALA A 395 23.02 -18.14 -22.40
CA ALA A 395 21.60 -17.83 -22.40
C ALA A 395 21.37 -16.34 -22.59
N GLU A 396 20.22 -15.99 -23.15
CA GLU A 396 19.84 -14.58 -23.24
C GLU A 396 18.44 -14.64 -22.63
N PHE A 397 18.07 -13.57 -21.95
CA PHE A 397 16.78 -13.58 -21.32
C PHE A 397 15.78 -12.61 -21.95
N PRO A 398 14.53 -13.00 -21.90
CA PRO A 398 13.46 -12.16 -22.45
C PRO A 398 13.16 -10.95 -21.58
N THR A 399 12.65 -9.91 -22.20
CA THR A 399 12.22 -8.70 -21.51
C THR A 399 10.69 -8.86 -21.27
N LEU A 400 10.22 -8.26 -20.16
CA LEU A 400 8.81 -8.41 -19.80
C LEU A 400 8.36 -7.13 -19.12
N SER A 401 7.11 -6.74 -19.41
CA SER A 401 6.48 -5.67 -18.63
C SER A 401 5.08 -6.14 -18.30
N GLY A 402 4.52 -5.52 -17.26
CA GLY A 402 3.16 -5.83 -16.81
C GLY A 402 3.16 -6.20 -15.33
N ASP A 403 2.05 -6.71 -14.84
CA ASP A 403 1.94 -7.15 -13.44
C ASP A 403 1.44 -8.56 -13.39
N PHE A 404 1.29 -9.09 -12.21
CA PHE A 404 0.85 -10.43 -11.96
C PHE A 404 -0.33 -10.49 -11.01
N PHE A 405 -1.33 -9.68 -11.35
CA PHE A 405 -2.62 -9.69 -10.67
C PHE A 405 -3.65 -10.00 -11.74
N THR A 406 -4.76 -10.66 -11.41
CA THR A 406 -5.11 -11.19 -10.11
C THR A 406 -4.70 -12.66 -10.03
N TYR A 407 -4.05 -13.02 -8.95
CA TYR A 407 -3.57 -14.36 -8.74
C TYR A 407 -4.66 -15.37 -8.53
N ALA A 408 -4.49 -16.56 -9.09
CA ALA A 408 -5.32 -17.72 -8.75
C ALA A 408 -4.33 -18.84 -8.56
N ASP A 409 -4.44 -19.57 -7.46
CA ASP A 409 -3.56 -20.72 -7.23
C ASP A 409 -4.13 -22.02 -7.82
N ARG A 410 -5.44 -22.06 -8.10
CA ARG A 410 -6.06 -23.29 -8.67
C ARG A 410 -7.46 -22.93 -9.09
N SER A 411 -7.93 -23.71 -10.08
CA SER A 411 -9.26 -23.57 -10.66
C SER A 411 -9.75 -22.13 -10.79
N ASP A 412 -10.89 -21.79 -10.18
CA ASP A 412 -11.42 -20.41 -10.31
C ASP A 412 -11.21 -19.66 -8.97
N ASN A 413 -10.25 -20.13 -8.19
CA ASN A 413 -10.02 -19.51 -6.85
C ASN A 413 -9.05 -18.31 -7.02
N TYR A 414 -9.62 -17.16 -7.36
CA TYR A 414 -8.90 -15.88 -7.55
C TYR A 414 -8.90 -15.13 -6.23
N TRP A 415 -7.71 -14.62 -5.95
CA TRP A 415 -7.45 -14.00 -4.66
C TRP A 415 -7.74 -12.51 -4.71
N SER A 416 -8.96 -12.14 -5.08
CA SER A 416 -9.32 -10.74 -5.10
C SER A 416 -10.08 -10.33 -3.81
N GLY A 417 -10.38 -11.26 -2.90
CA GLY A 417 -11.07 -10.84 -1.69
C GLY A 417 -10.17 -9.97 -0.81
N TYR A 418 -8.88 -10.30 -0.74
CA TYR A 418 -8.01 -9.56 0.19
C TYR A 418 -7.74 -8.13 -0.29
N TYR A 419 -8.20 -7.75 -1.49
CA TYR A 419 -8.11 -6.35 -1.91
C TYR A 419 -9.08 -5.50 -1.04
N THR A 420 -9.99 -6.13 -0.31
CA THR A 420 -10.96 -5.42 0.51
C THR A 420 -10.99 -5.87 1.97
N SER A 421 -10.61 -7.12 2.28
CA SER A 421 -10.75 -7.60 3.63
C SER A 421 -10.22 -6.68 4.69
N ARG A 422 -10.97 -6.55 5.79
CA ARG A 422 -10.58 -5.64 6.93
C ARG A 422 -10.30 -4.22 6.39
N PRO A 423 -11.30 -3.62 5.79
CA PRO A 423 -11.12 -2.29 5.23
C PRO A 423 -10.84 -1.19 6.25
N TYR A 424 -11.26 -1.35 7.49
CA TYR A 424 -10.95 -0.31 8.48
C TYR A 424 -9.45 -0.14 8.56
N HIS A 425 -8.71 -1.28 8.55
CA HIS A 425 -7.24 -1.17 8.73
C HIS A 425 -6.57 -0.75 7.47
N LYS A 426 -7.17 -1.11 6.33
CA LYS A 426 -6.66 -0.63 5.05
C LYS A 426 -6.72 0.91 5.01
N ARG A 427 -7.84 1.49 5.51
CA ARG A 427 -7.91 2.94 5.56
C ARG A 427 -6.90 3.50 6.60
N MET A 428 -6.80 2.82 7.74
CA MET A 428 -5.84 3.28 8.76
C MET A 428 -4.42 3.32 8.22
N ASP A 429 -4.06 2.37 7.35
CA ASP A 429 -2.73 2.35 6.74
C ASP A 429 -2.44 3.68 6.03
N ARG A 430 -3.43 4.19 5.27
CA ARG A 430 -3.19 5.42 4.54
C ARG A 430 -3.13 6.62 5.46
N VAL A 431 -3.90 6.61 6.54
CA VAL A 431 -3.85 7.74 7.52
C VAL A 431 -2.42 7.72 8.16
N LEU A 432 -1.98 6.58 8.65
CA LEU A 432 -0.66 6.52 9.27
C LEU A 432 0.42 6.80 8.26
N MET A 433 0.26 6.35 7.01
CA MET A 433 1.25 6.70 6.00
C MET A 433 1.52 8.19 5.98
N HIS A 434 0.45 8.96 5.95
CA HIS A 434 0.60 10.41 5.87
C HIS A 434 1.13 11.01 7.17
N TYR A 435 0.66 10.52 8.31
CA TYR A 435 1.14 11.04 9.57
C TYR A 435 2.65 10.72 9.76
N VAL A 436 3.14 9.58 9.29
CA VAL A 436 4.59 9.33 9.38
C VAL A 436 5.28 10.35 8.51
N ARG A 437 4.82 10.53 7.28
CA ARG A 437 5.50 11.51 6.42
C ARG A 437 5.54 12.90 7.09
N ALA A 438 4.37 13.35 7.60
CA ALA A 438 4.28 14.68 8.16
C ALA A 438 5.15 14.80 9.41
N ALA A 439 5.19 13.77 10.28
CA ALA A 439 6.02 13.84 11.47
C ALA A 439 7.50 13.87 11.11
N GLU A 440 7.92 13.03 10.16
CA GLU A 440 9.32 13.06 9.77
C GLU A 440 9.66 14.39 9.13
N MET A 441 8.81 14.97 8.31
CA MET A 441 9.12 16.24 7.66
C MET A 441 9.11 17.41 8.64
N LEU A 442 8.08 17.53 9.45
CA LEU A 442 8.01 18.64 10.41
C LEU A 442 9.18 18.64 11.34
N SER A 443 9.63 17.47 11.78
CA SER A 443 10.73 17.43 12.75
C SER A 443 12.07 17.46 12.06
N ALA A 444 12.16 17.28 10.75
CA ALA A 444 13.45 17.29 10.07
C ALA A 444 14.07 18.68 10.05
N TRP A 445 13.26 19.73 10.18
CA TRP A 445 13.78 21.10 10.03
C TRP A 445 14.78 21.46 11.10
N HIS A 446 14.70 20.82 12.24
CA HIS A 446 15.63 21.11 13.31
C HIS A 446 16.32 19.85 13.76
N SER A 447 17.38 20.08 14.50
CA SER A 447 18.12 19.04 15.19
C SER A 447 17.49 19.05 16.61
N TRP A 448 17.22 17.88 17.18
CA TRP A 448 16.57 17.84 18.46
C TRP A 448 17.43 17.22 19.54
N ASP A 449 17.36 17.76 20.75
CA ASP A 449 18.06 17.19 21.87
C ASP A 449 17.52 15.78 22.09
N GLY A 450 18.35 14.85 22.54
CA GLY A 450 17.87 13.51 22.82
C GLY A 450 16.73 13.44 23.83
N MET A 451 16.64 14.42 24.72
CA MET A 451 15.58 14.44 25.71
C MET A 451 14.18 14.62 25.11
N ALA A 452 14.13 15.11 23.87
CA ALA A 452 12.87 15.34 23.18
C ALA A 452 12.28 14.03 22.65
N ARG A 453 13.10 12.96 22.61
CA ARG A 453 12.63 11.63 22.21
C ARG A 453 12.01 11.65 20.81
N ILE A 454 12.49 12.54 19.95
CA ILE A 454 11.93 12.60 18.60
C ILE A 454 12.32 11.34 17.82
N GLU A 455 13.60 10.98 17.80
CA GLU A 455 14.05 9.80 17.03
C GLU A 455 13.36 8.57 17.56
N GLU A 456 13.22 8.42 18.86
CA GLU A 456 12.57 7.27 19.44
C GLU A 456 11.13 7.16 18.91
N ARG A 457 10.38 8.26 18.96
CA ARG A 457 8.95 8.15 18.54
C ARG A 457 8.84 7.92 17.05
N LEU A 458 9.72 8.51 16.24
CA LEU A 458 9.64 8.29 14.79
C LEU A 458 10.05 6.87 14.49
N GLU A 459 11.03 6.29 15.20
CA GLU A 459 11.41 4.92 14.89
C GLU A 459 10.24 4.00 15.21
N GLN A 460 9.55 4.21 16.33
CA GLN A 460 8.37 3.39 16.68
C GLN A 460 7.32 3.52 15.58
N ALA A 461 7.04 4.75 15.15
CA ALA A 461 6.00 4.93 14.13
C ALA A 461 6.39 4.27 12.81
N ARG A 462 7.62 4.41 12.37
CA ARG A 462 8.02 3.79 11.11
C ARG A 462 7.94 2.31 11.23
N ARG A 463 8.30 1.75 12.40
CA ARG A 463 8.33 0.28 12.50
C ARG A 463 6.93 -0.31 12.58
N GLU A 464 5.96 0.36 13.23
CA GLU A 464 4.63 -0.21 13.30
C GLU A 464 4.00 -0.13 11.94
N LEU A 465 4.18 0.98 11.23
CA LEU A 465 3.61 1.09 9.88
C LEU A 465 4.30 0.08 8.97
N SER A 466 5.62 -0.07 9.08
CA SER A 466 6.32 -1.06 8.27
C SER A 466 5.84 -2.48 8.52
N LEU A 467 5.62 -2.83 9.80
CA LEU A 467 5.15 -4.16 10.13
C LEU A 467 3.81 -4.41 9.41
N PHE A 468 2.95 -3.40 9.38
CA PHE A 468 1.61 -3.61 8.77
C PHE A 468 1.66 -3.85 7.29
N GLN A 469 2.76 -3.51 6.62
CA GLN A 469 2.87 -3.83 5.20
C GLN A 469 3.00 -5.29 4.95
N HIS A 470 3.21 -6.11 5.97
CA HIS A 470 3.27 -7.55 5.82
C HIS A 470 2.07 -8.04 4.99
N HIS A 471 2.29 -9.16 4.29
CA HIS A 471 1.26 -9.78 3.47
C HIS A 471 0.14 -10.47 4.23
N ASP A 472 0.14 -10.38 5.59
CA ASP A 472 -1.09 -10.76 6.32
C ASP A 472 -1.54 -9.55 7.18
N GLY A 473 -0.95 -8.37 6.95
CA GLY A 473 -1.34 -7.20 7.72
C GLY A 473 -2.35 -6.41 6.93
N ILE A 474 -1.86 -5.53 6.06
CA ILE A 474 -2.79 -4.68 5.29
C ILE A 474 -3.76 -5.53 4.45
N THR A 475 -3.38 -6.75 4.11
CA THR A 475 -4.23 -7.62 3.27
C THR A 475 -5.48 -8.07 4.04
N GLY A 476 -5.53 -7.93 5.37
CA GLY A 476 -6.73 -8.39 6.05
C GLY A 476 -6.85 -9.89 6.10
N THR A 477 -5.73 -10.62 6.09
CA THR A 477 -5.79 -12.06 6.10
C THR A 477 -5.29 -12.67 7.40
N ALA A 478 -5.26 -11.91 8.51
CA ALA A 478 -4.79 -12.47 9.77
C ALA A 478 -5.96 -12.81 10.68
N LYS A 479 -5.66 -13.59 11.73
CA LYS A 479 -6.73 -13.90 12.70
C LYS A 479 -7.19 -12.62 13.42
N THR A 480 -8.41 -12.64 13.93
CA THR A 480 -8.96 -11.46 14.63
C THR A 480 -8.06 -10.86 15.69
N HIS A 481 -7.48 -11.68 16.58
CA HIS A 481 -6.64 -11.05 17.62
C HIS A 481 -5.35 -10.48 17.06
N VAL A 482 -4.92 -10.97 15.88
CA VAL A 482 -3.71 -10.42 15.25
C VAL A 482 -4.06 -9.08 14.60
N VAL A 483 -5.24 -8.99 13.98
CA VAL A 483 -5.67 -7.71 13.45
C VAL A 483 -5.75 -6.68 14.56
N VAL A 484 -6.23 -7.13 15.75
CA VAL A 484 -6.27 -6.21 16.91
C VAL A 484 -4.88 -5.76 17.30
N ASP A 485 -3.93 -6.65 17.30
CA ASP A 485 -2.54 -6.25 17.58
C ASP A 485 -2.02 -5.24 16.59
N TYR A 486 -2.25 -5.45 15.30
CA TYR A 486 -1.80 -4.47 14.32
C TYR A 486 -2.46 -3.12 14.54
N GLU A 487 -3.75 -3.12 14.85
CA GLU A 487 -4.46 -1.87 15.09
C GLU A 487 -3.90 -1.12 16.30
N GLN A 488 -3.66 -1.85 17.39
CA GLN A 488 -3.13 -1.23 18.63
C GLN A 488 -1.74 -0.66 18.31
N ARG A 489 -0.91 -1.39 17.55
CA ARG A 489 0.41 -0.88 17.19
C ARG A 489 0.27 0.38 16.33
N MET A 490 -0.64 0.41 15.36
CA MET A 490 -0.80 1.61 14.54
C MET A 490 -1.36 2.76 15.36
N GLN A 491 -2.22 2.50 16.33
CA GLN A 491 -2.72 3.60 17.18
C GLN A 491 -1.58 4.21 17.96
N GLU A 492 -0.67 3.38 18.47
CA GLU A 492 0.47 3.92 19.18
C GLU A 492 1.33 4.69 18.25
N ALA A 493 1.49 4.21 17.02
CA ALA A 493 2.27 4.97 16.05
C ALA A 493 1.62 6.34 15.73
N LEU A 494 0.28 6.38 15.62
CA LEU A 494 -0.37 7.67 15.37
C LEU A 494 -0.11 8.62 16.53
N LYS A 495 -0.17 8.13 17.74
CA LYS A 495 0.08 9.00 18.92
C LYS A 495 1.53 9.47 18.88
N ALA A 496 2.48 8.63 18.47
CA ALA A 496 3.86 9.05 18.38
C ALA A 496 4.02 10.15 17.34
N CYS A 497 3.36 10.01 16.19
CA CYS A 497 3.43 11.01 15.15
C CYS A 497 2.82 12.32 15.64
N GLN A 498 1.68 12.26 16.32
CA GLN A 498 1.05 13.49 16.80
C GLN A 498 2.01 14.18 17.75
N MET A 499 2.68 13.46 18.64
CA MET A 499 3.58 14.11 19.57
C MET A 499 4.69 14.83 18.87
N VAL A 500 5.32 14.14 17.87
CA VAL A 500 6.41 14.75 17.18
C VAL A 500 5.93 15.94 16.40
N MET A 501 4.81 15.80 15.68
CA MET A 501 4.26 16.89 14.88
C MET A 501 3.99 18.12 15.76
N GLN A 502 3.33 17.94 16.89
CA GLN A 502 2.89 19.14 17.67
C GLN A 502 4.10 19.77 18.36
N GLN A 503 5.08 18.98 18.79
CA GLN A 503 6.33 19.65 19.31
C GLN A 503 6.99 20.41 18.21
N SER A 504 7.00 19.90 16.96
CA SER A 504 7.64 20.57 15.86
C SER A 504 6.96 21.89 15.49
N VAL A 505 5.63 21.87 15.45
CA VAL A 505 4.87 23.09 15.10
C VAL A 505 5.17 24.19 16.19
N TYR A 506 5.17 23.81 17.43
CA TYR A 506 5.45 24.76 18.50
C TYR A 506 6.82 25.37 18.29
N ARG A 507 7.81 24.55 17.94
CA ARG A 507 9.15 25.11 17.75
C ARG A 507 9.24 25.95 16.46
N LEU A 508 8.56 25.57 15.38
CA LEU A 508 8.65 26.28 14.16
C LEU A 508 7.94 27.64 14.09
N LEU A 509 6.96 27.80 14.98
CA LEU A 509 6.10 28.98 14.98
C LEU A 509 6.21 29.78 16.26
N THR A 510 7.25 29.61 17.06
CA THR A 510 7.34 30.42 18.29
C THR A 510 8.66 31.20 18.19
N LYS A 511 8.59 32.49 18.55
CA LYS A 511 9.81 33.34 18.53
C LYS A 511 10.89 32.55 19.25
N PRO A 512 12.09 32.48 18.66
CA PRO A 512 13.12 31.68 19.29
C PRO A 512 13.52 31.97 20.74
N SER A 513 13.57 33.24 21.07
CA SER A 513 14.00 33.60 22.45
C SER A 513 12.89 33.43 23.46
N ILE A 514 11.70 33.01 23.02
CA ILE A 514 10.55 32.78 23.90
C ILE A 514 10.27 31.28 24.00
N TYR A 515 10.64 30.53 22.95
CA TYR A 515 10.41 29.06 22.89
C TYR A 515 10.90 28.37 24.15
N SER A 516 10.03 27.67 24.86
CA SER A 516 10.41 27.04 26.13
C SER A 516 9.72 25.70 26.23
N PRO A 517 10.27 24.71 25.53
CA PRO A 517 9.59 23.43 25.56
C PRO A 517 9.68 22.51 26.71
N ASP A 518 8.58 21.85 26.99
CA ASP A 518 8.52 20.73 27.92
C ASP A 518 8.19 19.63 26.85
N PHE A 519 9.15 18.75 26.62
CA PHE A 519 9.00 17.74 25.58
C PHE A 519 7.95 16.72 25.84
N SER A 520 7.32 16.76 27.01
CA SER A 520 6.24 15.81 27.31
C SER A 520 4.85 16.50 27.23
N PHE A 521 4.85 17.80 26.98
CA PHE A 521 3.62 18.58 26.98
C PHE A 521 2.91 18.62 25.63
N SER A 522 1.59 18.74 25.66
CA SER A 522 0.84 18.84 24.45
C SER A 522 0.50 20.30 24.20
N TYR A 523 1.28 20.94 23.35
CA TYR A 523 1.07 22.32 22.94
C TYR A 523 -0.08 22.41 21.93
N PHE A 524 -0.26 21.38 21.09
CA PHE A 524 -1.35 21.35 20.13
C PHE A 524 -1.92 19.94 20.09
N THR A 525 -3.20 19.84 19.81
CA THR A 525 -3.76 18.53 19.52
C THR A 525 -4.15 18.54 18.05
N LEU A 526 -4.00 17.41 17.40
CA LEU A 526 -4.36 17.29 16.02
C LEU A 526 -5.88 17.17 15.92
N ASP A 527 -6.42 17.69 14.83
CA ASP A 527 -7.83 17.56 14.55
C ASP A 527 -7.89 16.90 13.17
N ASP A 528 -8.57 15.78 13.09
CA ASP A 528 -8.64 15.07 11.80
C ASP A 528 -10.11 14.82 11.59
N SER A 529 -10.62 15.35 10.50
CA SER A 529 -12.05 15.19 10.18
C SER A 529 -12.42 13.88 9.55
N ARG A 530 -11.44 13.12 9.07
CA ARG A 530 -11.73 11.89 8.36
C ARG A 530 -11.15 10.67 8.94
N TRP A 531 -10.58 10.75 10.14
CA TRP A 531 -10.10 9.51 10.76
C TRP A 531 -10.17 9.67 12.28
N PRO A 532 -10.84 8.75 12.97
CA PRO A 532 -11.55 7.58 12.47
C PRO A 532 -12.77 7.99 11.67
N GLY A 533 -13.22 9.23 11.87
CA GLY A 533 -14.35 9.75 11.12
C GLY A 533 -15.64 9.82 11.90
N SER A 534 -16.49 10.75 11.43
CA SER A 534 -17.81 11.00 12.05
C SER A 534 -18.55 9.70 11.99
N GLY A 535 -19.14 9.30 13.10
CA GLY A 535 -19.86 8.03 13.11
C GLY A 535 -19.02 6.78 13.35
N VAL A 536 -17.69 6.98 13.43
CA VAL A 536 -16.81 5.85 13.69
C VAL A 536 -16.33 6.01 15.14
N GLU A 537 -15.86 7.21 15.48
CA GLU A 537 -15.39 7.50 16.84
C GLU A 537 -15.65 8.98 17.11
N ASP A 538 -16.05 9.32 18.34
CA ASP A 538 -16.25 10.75 18.66
C ASP A 538 -14.85 11.05 19.24
N SER A 539 -13.94 11.47 18.38
CA SER A 539 -12.54 11.68 18.79
C SER A 539 -12.07 13.13 18.74
N ARG A 540 -12.83 13.96 18.04
CA ARG A 540 -12.47 15.34 17.81
C ARG A 540 -12.73 16.24 18.98
N THR A 541 -11.83 17.16 19.19
CA THR A 541 -12.04 18.08 20.28
C THR A 541 -12.80 19.31 19.76
N THR A 542 -13.72 19.78 20.59
CA THR A 542 -14.44 20.99 20.27
C THR A 542 -13.63 22.16 20.82
N ILE A 543 -13.46 23.19 20.01
CA ILE A 543 -12.77 24.41 20.47
C ILE A 543 -13.83 25.18 21.34
N ILE A 544 -13.52 25.29 22.61
CA ILE A 544 -14.45 25.94 23.54
C ILE A 544 -14.13 27.42 23.72
N LEU A 545 -15.08 28.21 23.23
CA LEU A 545 -14.97 29.66 23.29
C LEU A 545 -16.18 30.18 24.07
N GLY A 546 -16.02 31.32 24.69
CA GLY A 546 -17.15 31.89 25.42
C GLY A 546 -16.71 33.20 26.00
N GLU A 547 -17.66 34.12 26.07
CA GLU A 547 -17.38 35.44 26.66
C GLU A 547 -16.84 35.38 28.09
N ASP A 548 -17.22 34.34 28.81
CA ASP A 548 -16.80 34.21 30.21
C ASP A 548 -15.71 33.16 30.38
N ILE A 549 -15.06 32.79 29.29
CA ILE A 549 -14.01 31.77 29.43
C ILE A 549 -12.80 31.98 28.48
N LEU A 550 -13.05 32.23 27.20
CA LEU A 550 -11.91 32.33 26.27
C LEU A 550 -12.46 32.92 24.99
N PRO A 551 -11.99 34.09 24.60
CA PRO A 551 -12.53 34.67 23.40
C PRO A 551 -12.06 34.10 22.07
N SER A 552 -10.86 33.52 22.06
CA SER A 552 -10.31 33.12 20.76
C SER A 552 -9.32 31.96 20.91
N LYS A 553 -9.01 31.37 19.76
CA LYS A 553 -8.14 30.21 19.71
C LYS A 553 -7.33 30.18 18.40
N HIS A 554 -6.01 29.97 18.58
CA HIS A 554 -5.17 29.75 17.41
C HIS A 554 -5.25 28.30 16.92
N VAL A 555 -5.25 28.21 15.59
CA VAL A 555 -5.17 26.92 14.90
C VAL A 555 -4.06 27.05 13.88
N VAL A 556 -3.42 25.93 13.52
CA VAL A 556 -2.31 25.97 12.54
C VAL A 556 -2.50 24.80 11.55
N MET A 557 -2.30 25.09 10.29
CA MET A 557 -2.35 24.07 9.26
C MET A 557 -0.95 23.83 8.72
N HIS A 558 -0.66 22.55 8.48
CA HIS A 558 0.60 22.14 7.83
C HIS A 558 0.30 21.55 6.46
N ASN A 559 1.15 21.90 5.50
CA ASN A 559 1.03 21.41 4.15
C ASN A 559 2.30 20.62 3.79
N THR A 560 2.24 19.29 3.78
CA THR A 560 3.46 18.50 3.48
C THR A 560 3.86 18.54 2.03
N LEU A 561 2.99 18.99 1.13
CA LEU A 561 3.34 19.01 -0.29
C LEU A 561 4.21 20.21 -0.65
N PRO A 562 5.09 20.07 -1.60
CA PRO A 562 5.99 21.17 -1.98
C PRO A 562 5.47 22.22 -2.93
N HIS A 563 4.20 22.57 -2.75
CA HIS A 563 3.66 23.71 -3.52
C HIS A 563 2.66 24.42 -2.61
N TRP A 564 2.44 25.70 -2.86
CA TRP A 564 1.40 26.42 -2.12
C TRP A 564 0.07 25.70 -2.32
N ARG A 565 -0.68 25.59 -1.23
CA ARG A 565 -1.94 24.89 -1.37
C ARG A 565 -3.02 25.58 -0.57
N GLU A 566 -4.19 25.64 -1.19
CA GLU A 566 -5.39 26.04 -0.49
C GLU A 566 -6.30 24.81 -0.32
N GLN A 567 -6.97 24.71 0.81
CA GLN A 567 -7.88 23.60 1.04
C GLN A 567 -8.85 24.08 2.11
N LEU A 568 -10.11 23.73 1.96
CA LEU A 568 -11.04 24.04 3.06
C LEU A 568 -10.71 23.19 4.26
N VAL A 569 -10.75 23.78 5.42
CA VAL A 569 -10.57 23.05 6.66
C VAL A 569 -11.74 23.31 7.59
N ASP A 570 -12.00 22.36 8.46
CA ASP A 570 -13.10 22.58 9.43
C ASP A 570 -12.71 22.21 10.81
N PHE A 571 -13.35 22.88 11.78
CA PHE A 571 -13.11 22.60 13.19
C PHE A 571 -14.47 22.60 13.90
N TYR A 572 -14.56 21.87 14.97
CA TYR A 572 -15.77 21.93 15.80
C TYR A 572 -15.56 23.07 16.80
N VAL A 573 -16.59 23.90 16.97
CA VAL A 573 -16.55 25.05 17.90
C VAL A 573 -17.82 25.06 18.71
N SER A 574 -17.71 25.62 19.92
CA SER A 574 -18.86 25.59 20.86
C SER A 574 -19.90 26.69 20.66
N SER A 575 -19.74 27.50 19.62
CA SER A 575 -20.71 28.54 19.28
C SER A 575 -20.76 28.74 17.77
N PRO A 576 -21.92 29.06 17.22
CA PRO A 576 -21.99 29.31 15.77
C PRO A 576 -21.45 30.68 15.40
N PHE A 577 -21.28 31.56 16.41
CA PHE A 577 -20.86 32.93 16.10
C PHE A 577 -19.37 33.11 16.22
N VAL A 578 -18.70 32.57 15.21
CA VAL A 578 -17.23 32.56 15.18
C VAL A 578 -16.74 33.13 13.88
N SER A 579 -15.67 33.92 13.97
CA SER A 579 -15.10 34.44 12.76
C SER A 579 -13.61 34.08 12.73
N VAL A 580 -13.09 34.07 11.52
CA VAL A 580 -11.71 33.66 11.32
C VAL A 580 -10.90 34.83 10.81
N THR A 581 -9.67 34.89 11.30
CA THR A 581 -8.69 35.84 10.82
C THR A 581 -7.35 35.12 10.63
N ASP A 582 -6.52 35.68 9.76
CA ASP A 582 -5.14 35.16 9.56
C ASP A 582 -4.21 35.84 10.58
N LEU A 583 -2.89 35.56 10.58
CA LEU A 583 -2.21 36.26 11.67
C LEU A 583 -1.83 37.68 11.39
N ALA A 584 -2.37 38.27 10.32
CA ALA A 584 -2.17 39.73 10.13
C ALA A 584 -3.53 40.31 10.47
N ASN A 585 -4.42 39.50 11.06
CA ASN A 585 -5.72 39.98 11.45
C ASN A 585 -6.62 40.30 10.27
N ASN A 586 -6.36 39.76 9.09
CA ASN A 586 -7.19 39.94 7.89
C ASN A 586 -8.36 38.95 8.03
N PRO A 587 -9.59 39.40 7.86
CA PRO A 587 -10.71 38.48 7.95
C PRO A 587 -10.61 37.44 6.87
N VAL A 588 -11.13 36.24 7.19
CA VAL A 588 -11.12 35.14 6.24
C VAL A 588 -12.59 34.68 6.16
N GLU A 589 -13.07 34.53 4.95
CA GLU A 589 -14.47 34.13 4.75
C GLU A 589 -14.68 32.74 5.36
N ALA A 590 -15.75 32.52 6.07
CA ALA A 590 -15.98 31.25 6.71
C ALA A 590 -17.43 30.86 6.57
N GLN A 591 -17.72 29.62 6.80
CA GLN A 591 -19.07 29.08 6.75
C GLN A 591 -19.26 28.23 8.00
N VAL A 592 -20.42 28.36 8.66
CA VAL A 592 -20.73 27.52 9.79
C VAL A 592 -21.87 26.57 9.38
N SER A 593 -21.75 25.31 9.74
CA SER A 593 -22.76 24.28 9.43
C SER A 593 -22.99 23.54 10.70
N PRO A 594 -24.10 22.84 10.80
CA PRO A 594 -24.32 22.07 12.02
C PRO A 594 -23.39 20.83 12.11
N VAL A 595 -23.35 20.19 13.28
CA VAL A 595 -22.67 18.91 13.39
C VAL A 595 -23.81 17.88 13.35
N TRP A 596 -23.83 17.08 12.29
CA TRP A 596 -24.83 16.07 12.08
C TRP A 596 -24.29 14.67 12.32
N SER A 597 -25.01 13.89 13.09
CA SER A 597 -24.62 12.51 13.25
C SER A 597 -25.80 11.62 12.86
N TRP A 598 -25.47 10.47 12.33
CA TRP A 598 -26.50 9.57 11.87
C TRP A 598 -26.70 8.44 12.87
N HIS A 599 -27.95 8.03 12.98
CA HIS A 599 -28.32 7.05 13.96
C HIS A 599 -29.25 6.04 13.42
N HIS A 600 -29.00 4.80 13.78
CA HIS A 600 -29.90 3.75 13.35
C HIS A 600 -30.85 3.75 14.51
N ASP A 601 -32.03 4.30 14.29
CA ASP A 601 -33.02 4.42 15.32
C ASP A 601 -33.71 3.04 15.45
N THR A 602 -33.40 2.30 16.52
CA THR A 602 -34.01 0.98 16.67
C THR A 602 -35.46 1.06 17.06
N LEU A 603 -35.94 2.24 17.38
CA LEU A 603 -37.36 2.39 17.71
C LEU A 603 -38.20 2.61 16.46
N THR A 604 -37.89 3.64 15.67
CA THR A 604 -38.62 3.91 14.43
C THR A 604 -38.16 3.06 13.25
N LYS A 605 -37.03 2.35 13.42
CA LYS A 605 -36.50 1.50 12.33
C LYS A 605 -36.14 2.35 11.12
N THR A 606 -35.50 3.49 11.37
CA THR A 606 -35.04 4.38 10.29
C THR A 606 -33.62 4.80 10.62
N ILE A 607 -32.89 5.21 9.59
CA ILE A 607 -31.52 5.72 9.76
C ILE A 607 -31.67 7.22 9.48
N HIS A 608 -31.41 8.07 10.48
CA HIS A 608 -31.67 9.48 10.26
C HIS A 608 -30.69 10.30 11.05
N PRO A 609 -30.54 11.56 10.67
CA PRO A 609 -29.58 12.43 11.33
C PRO A 609 -30.09 13.25 12.49
N GLN A 610 -29.19 13.47 13.42
CA GLN A 610 -29.49 14.29 14.58
C GLN A 610 -28.48 15.40 14.59
N GLY A 611 -28.94 16.62 14.88
CA GLY A 611 -27.99 17.73 14.90
C GLY A 611 -27.62 18.12 16.33
N SER A 612 -26.42 18.60 16.49
CA SER A 612 -25.98 19.03 17.82
C SER A 612 -26.55 20.39 18.10
N THR A 613 -26.87 20.67 19.40
CA THR A 613 -27.35 22.01 19.71
C THR A 613 -26.30 22.83 20.48
N THR A 614 -25.08 22.31 20.55
CA THR A 614 -24.01 23.04 21.25
C THR A 614 -22.62 23.02 20.56
N LYS A 615 -22.45 22.21 19.50
CA LYS A 615 -21.20 22.09 18.77
C LYS A 615 -21.60 22.43 17.35
N TYR A 616 -20.74 23.11 16.62
CA TYR A 616 -21.00 23.52 15.26
C TYR A 616 -19.70 23.35 14.49
N ARG A 617 -19.81 23.28 13.18
CA ARG A 617 -18.58 23.18 12.35
C ARG A 617 -18.29 24.52 11.74
N ILE A 618 -17.06 25.02 11.83
CA ILE A 618 -16.67 26.22 11.15
C ILE A 618 -15.73 25.78 10.04
N ILE A 619 -15.90 26.33 8.87
CA ILE A 619 -15.17 25.91 7.68
C ILE A 619 -14.57 27.10 7.02
N PHE A 620 -13.35 27.07 6.60
CA PHE A 620 -12.75 28.20 5.91
C PHE A 620 -11.61 27.71 5.04
N LYS A 621 -11.18 28.53 4.07
CA LYS A 621 -10.10 28.13 3.19
C LYS A 621 -8.75 28.50 3.77
N ALA A 622 -7.95 27.47 4.07
CA ALA A 622 -6.59 27.76 4.57
C ALA A 622 -5.62 27.80 3.40
N ARG A 623 -4.67 28.73 3.43
CA ARG A 623 -3.64 28.84 2.37
C ARG A 623 -2.30 28.68 3.07
N VAL A 624 -1.56 27.64 2.62
CA VAL A 624 -0.35 27.20 3.33
C VAL A 624 0.81 27.08 2.39
N PRO A 625 1.98 27.58 2.86
CA PRO A 625 3.17 27.52 2.00
C PRO A 625 3.62 26.08 1.68
N PRO A 626 4.46 25.94 0.67
CA PRO A 626 4.99 24.60 0.31
C PRO A 626 5.72 24.10 1.57
N MET A 627 5.45 22.83 1.94
CA MET A 627 6.10 22.20 3.12
C MET A 627 6.16 23.13 4.31
N GLY A 628 5.00 23.77 4.51
CA GLY A 628 4.96 24.86 5.49
C GLY A 628 3.79 24.89 6.44
N LEU A 629 3.66 25.98 7.18
CA LEU A 629 2.63 26.14 8.24
C LEU A 629 1.99 27.50 8.13
N ALA A 630 0.71 27.55 8.44
CA ALA A 630 -0.05 28.82 8.43
C ALA A 630 -0.94 28.84 9.65
N THR A 631 -0.93 29.97 10.35
CA THR A 631 -1.71 30.16 11.60
C THR A 631 -2.95 31.02 11.39
N TYR A 632 -4.07 30.58 11.95
CA TYR A 632 -5.33 31.36 11.89
C TYR A 632 -5.83 31.47 13.30
N VAL A 633 -6.81 32.38 13.47
CA VAL A 633 -7.40 32.61 14.78
C VAL A 633 -8.95 32.56 14.63
N LEU A 634 -9.55 31.83 15.55
CA LEU A 634 -11.04 31.70 15.60
C LEU A 634 -11.47 32.54 16.80
N THR A 635 -12.41 33.51 16.55
CA THR A 635 -12.84 34.42 17.64
C THR A 635 -14.36 34.40 17.77
N ILE A 636 -14.84 34.33 19.00
CA ILE A 636 -16.29 34.31 19.22
C ILE A 636 -16.83 35.76 19.24
N SER A 637 -18.06 35.90 18.79
CA SER A 637 -18.73 37.21 18.86
C SER A 637 -20.10 36.98 19.44
N ASP A 638 -20.80 38.04 19.85
CA ASP A 638 -22.11 37.79 20.44
C ASP A 638 -23.24 37.56 19.42
N SER A 639 -22.98 37.84 18.14
CA SER A 639 -23.98 37.62 17.12
C SER A 639 -23.29 37.31 15.80
N LYS A 640 -24.07 37.10 14.76
CA LYS A 640 -23.51 36.77 13.44
C LYS A 640 -22.40 37.70 12.98
N PRO A 641 -21.19 37.14 12.77
CA PRO A 641 -20.02 37.86 12.32
C PRO A 641 -20.17 38.28 10.87
N GLU A 642 -19.55 39.39 10.51
CA GLU A 642 -19.61 39.86 9.13
C GLU A 642 -19.11 38.93 8.03
N HIS A 643 -18.09 38.15 8.35
CA HIS A 643 -17.49 37.30 7.32
C HIS A 643 -17.75 35.82 7.44
N THR A 644 -18.74 35.47 8.21
CA THR A 644 -19.18 34.09 8.40
C THR A 644 -20.62 33.93 7.93
N SER A 645 -20.85 32.96 7.04
CA SER A 645 -22.19 32.65 6.54
C SER A 645 -22.64 31.34 7.19
N TYR A 646 -23.92 31.02 7.05
CA TYR A 646 -24.49 29.83 7.65
C TYR A 646 -25.20 29.01 6.61
N ALA A 647 -24.94 27.71 6.61
CA ALA A 647 -25.57 26.83 5.65
C ALA A 647 -27.05 26.65 5.92
N SER A 648 -27.77 26.41 4.85
CA SER A 648 -29.15 26.03 5.04
C SER A 648 -29.15 24.50 5.13
N ASN A 649 -30.20 23.90 5.66
CA ASN A 649 -30.30 22.46 5.81
C ASN A 649 -31.70 22.03 5.47
N LEU A 650 -31.83 20.99 4.68
CA LEU A 650 -33.11 20.48 4.24
C LEU A 650 -33.13 18.98 4.45
N LEU A 651 -34.07 18.49 5.26
CA LEU A 651 -34.23 17.07 5.54
C LEU A 651 -35.39 16.54 4.68
N LEU A 652 -35.10 15.63 3.76
CA LEU A 652 -36.09 15.09 2.86
C LEU A 652 -36.47 13.73 3.32
N ARG A 653 -37.73 13.59 3.73
CA ARG A 653 -38.20 12.31 4.22
C ARG A 653 -39.70 12.43 4.48
N LYS A 654 -40.39 11.31 4.45
CA LYS A 654 -41.79 11.39 4.80
C LYS A 654 -41.77 11.28 6.36
N ASN A 655 -42.78 11.85 6.98
CA ASN A 655 -42.90 11.76 8.44
C ASN A 655 -41.74 12.39 9.19
N PRO A 656 -41.45 13.66 8.86
CA PRO A 656 -40.33 14.32 9.54
C PRO A 656 -40.73 14.77 10.93
N THR A 657 -39.72 14.96 11.75
CA THR A 657 -39.93 15.50 13.07
C THR A 657 -38.90 16.64 13.15
N SER A 658 -39.12 17.55 14.09
CA SER A 658 -38.26 18.74 14.21
C SER A 658 -36.77 18.38 14.48
N LEU A 659 -35.89 19.32 14.12
CA LEU A 659 -34.41 19.15 14.28
C LEU A 659 -33.86 20.47 14.78
N PRO A 660 -33.98 20.74 16.08
CA PRO A 660 -33.50 21.97 16.72
C PRO A 660 -31.97 21.99 16.68
N LEU A 661 -31.41 23.17 16.53
CA LEU A 661 -29.92 23.28 16.41
C LEU A 661 -29.36 24.32 17.39
N GLY A 662 -30.04 24.56 18.51
CA GLY A 662 -29.50 25.58 19.47
C GLY A 662 -29.40 26.97 18.89
N GLN A 663 -28.21 27.57 19.02
CA GLN A 663 -28.03 28.93 18.51
C GLN A 663 -27.85 29.05 17.03
N TYR A 664 -27.77 27.92 16.33
CA TYR A 664 -27.58 27.99 14.88
C TYR A 664 -28.65 28.93 14.34
N PRO A 665 -28.27 29.94 13.57
CA PRO A 665 -29.26 30.91 13.07
C PRO A 665 -30.25 30.60 11.96
N GLU A 666 -30.16 29.41 11.38
CA GLU A 666 -31.09 29.08 10.27
C GLU A 666 -31.85 27.85 10.68
N ASP A 667 -33.18 27.91 10.62
CA ASP A 667 -33.95 26.75 10.99
C ASP A 667 -33.90 25.64 9.88
N VAL A 668 -33.84 24.40 10.29
CA VAL A 668 -33.86 23.27 9.34
C VAL A 668 -35.21 23.30 8.62
N LYS A 669 -35.20 23.01 7.32
CA LYS A 669 -36.40 22.91 6.44
C LYS A 669 -36.66 21.43 6.16
N PHE A 670 -37.90 21.06 5.82
CA PHE A 670 -38.30 19.70 5.59
C PHE A 670 -39.04 19.59 4.30
N GLY A 671 -39.07 18.39 3.73
CA GLY A 671 -39.83 18.18 2.51
C GLY A 671 -39.91 16.70 2.21
N ASP A 672 -40.81 16.35 1.31
CA ASP A 672 -40.89 14.97 0.91
C ASP A 672 -39.69 14.70 -0.04
N PRO A 673 -39.24 13.42 -0.12
CA PRO A 673 -38.12 13.08 -1.01
C PRO A 673 -38.37 13.65 -2.41
N ARG A 674 -37.34 14.15 -3.04
CA ARG A 674 -37.47 14.74 -4.38
C ARG A 674 -36.09 14.83 -4.97
N GLU A 675 -36.02 14.90 -6.28
CA GLU A 675 -34.73 15.10 -6.92
C GLU A 675 -34.22 16.51 -6.61
N ILE A 676 -32.91 16.68 -6.49
CA ILE A 676 -32.40 17.98 -6.26
C ILE A 676 -31.07 18.19 -6.97
N SER A 677 -30.73 19.46 -7.16
CA SER A 677 -29.51 19.90 -7.85
C SER A 677 -28.74 20.89 -6.98
N LEU A 678 -27.41 20.79 -7.02
CA LEU A 678 -26.60 21.69 -6.25
C LEU A 678 -25.39 22.12 -7.03
N ARG A 679 -24.93 23.33 -6.77
CA ARG A 679 -23.73 23.86 -7.38
C ARG A 679 -23.01 24.76 -6.38
N VAL A 680 -21.74 24.47 -6.12
CA VAL A 680 -20.93 25.30 -5.28
C VAL A 680 -19.92 26.04 -6.14
N GLY A 681 -19.85 27.34 -5.90
CA GLY A 681 -18.92 28.19 -6.66
C GLY A 681 -19.26 28.15 -8.15
N ASN A 682 -18.22 28.05 -8.94
CA ASN A 682 -18.38 27.98 -10.40
C ASN A 682 -18.10 26.56 -10.79
N GLY A 683 -18.17 25.67 -9.82
CA GLY A 683 -17.83 24.29 -10.07
C GLY A 683 -18.95 23.56 -10.78
N PRO A 684 -18.91 22.23 -10.77
CA PRO A 684 -19.96 21.46 -11.44
C PRO A 684 -21.31 21.56 -10.74
N THR A 685 -22.35 21.26 -11.49
CA THR A 685 -23.70 21.19 -10.95
C THR A 685 -24.02 19.69 -10.88
N LEU A 686 -24.39 19.19 -9.70
CA LEU A 686 -24.65 17.81 -9.51
C LEU A 686 -26.13 17.61 -9.27
N ALA A 687 -26.69 16.61 -9.89
CA ALA A 687 -28.08 16.28 -9.68
C ALA A 687 -28.17 14.97 -8.94
N PHE A 688 -29.15 14.84 -8.04
CA PHE A 688 -29.32 13.68 -7.22
C PHE A 688 -30.71 13.11 -7.33
N SER A 689 -30.84 11.82 -7.19
CA SER A 689 -32.14 11.13 -7.22
C SER A 689 -32.82 11.43 -5.88
N GLU A 690 -34.11 11.11 -5.81
CA GLU A 690 -34.88 11.26 -4.57
C GLU A 690 -34.35 10.35 -3.45
N GLN A 691 -33.48 9.40 -3.82
CA GLN A 691 -32.84 8.57 -2.78
C GLN A 691 -31.48 9.14 -2.36
N GLY A 692 -31.14 10.32 -2.81
CA GLY A 692 -29.91 10.98 -2.37
C GLY A 692 -28.65 10.52 -3.05
N LEU A 693 -28.76 9.88 -4.22
CA LEU A 693 -27.60 9.36 -4.95
C LEU A 693 -27.40 10.14 -6.20
N LEU A 694 -26.16 10.43 -6.53
CA LEU A 694 -25.83 11.17 -7.73
C LEU A 694 -26.45 10.50 -8.97
N LYS A 695 -26.99 11.37 -9.84
CA LYS A 695 -27.52 10.92 -11.14
C LYS A 695 -26.85 11.61 -12.30
N SER A 696 -26.31 12.80 -12.15
CA SER A 696 -25.65 13.48 -13.25
C SER A 696 -24.72 14.54 -12.78
N ILE A 697 -23.78 14.92 -13.66
CA ILE A 697 -22.80 15.95 -13.41
C ILE A 697 -22.78 16.87 -14.64
N GLN A 698 -22.91 18.16 -14.42
CA GLN A 698 -22.85 19.13 -15.50
C GLN A 698 -21.63 19.94 -15.23
N LEU A 699 -20.61 19.84 -16.08
CA LEU A 699 -19.36 20.54 -15.79
C LEU A 699 -19.43 22.06 -15.77
N THR A 700 -20.15 22.65 -16.73
CA THR A 700 -20.25 24.10 -16.78
C THR A 700 -21.68 24.49 -17.11
N GLN A 701 -21.96 25.78 -16.99
CA GLN A 701 -23.28 26.35 -17.27
C GLN A 701 -23.91 25.84 -18.57
N ASP A 702 -23.13 25.89 -19.64
CA ASP A 702 -23.59 25.47 -20.97
C ASP A 702 -23.63 23.98 -21.26
N SER A 703 -22.68 23.25 -20.70
CA SER A 703 -22.54 21.82 -20.94
C SER A 703 -23.71 20.91 -20.55
N PRO A 704 -23.70 19.69 -21.07
CA PRO A 704 -24.75 18.70 -20.80
C PRO A 704 -24.69 18.04 -19.42
N HIS A 705 -25.84 17.55 -18.99
CA HIS A 705 -25.95 16.85 -17.70
C HIS A 705 -25.56 15.40 -18.04
N VAL A 706 -24.30 15.05 -17.72
CA VAL A 706 -23.77 13.74 -18.03
C VAL A 706 -24.23 12.71 -17.05
N PRO A 707 -24.88 11.64 -17.47
CA PRO A 707 -25.34 10.59 -16.57
C PRO A 707 -24.16 9.96 -15.85
N VAL A 708 -24.21 10.01 -14.51
CA VAL A 708 -23.17 9.42 -13.63
C VAL A 708 -24.03 9.00 -12.43
N HIS A 709 -24.31 7.72 -12.33
CA HIS A 709 -25.20 7.26 -11.28
C HIS A 709 -24.49 6.39 -10.26
N PHE A 710 -24.63 6.71 -8.96
CA PHE A 710 -24.11 5.87 -7.91
C PHE A 710 -25.18 4.84 -7.53
N LYS A 711 -24.78 3.61 -7.30
CA LYS A 711 -25.69 2.57 -6.91
C LYS A 711 -24.95 1.63 -5.97
N PHE A 712 -25.59 1.13 -4.93
CA PHE A 712 -25.06 0.16 -4.04
C PHE A 712 -25.64 -1.20 -4.28
N LEU A 713 -24.82 -2.24 -4.31
CA LEU A 713 -25.29 -3.59 -4.61
C LEU A 713 -24.61 -4.56 -3.66
N LYS A 714 -25.05 -5.80 -3.63
CA LYS A 714 -24.46 -6.79 -2.80
C LYS A 714 -24.15 -8.07 -3.53
N TYR A 715 -22.99 -8.62 -3.23
CA TYR A 715 -22.60 -9.92 -3.69
C TYR A 715 -22.81 -10.88 -2.54
N GLY A 716 -23.11 -12.15 -2.86
CA GLY A 716 -23.31 -13.17 -1.86
C GLY A 716 -22.20 -14.22 -1.97
N VAL A 717 -22.42 -15.36 -1.35
CA VAL A 717 -21.46 -16.47 -1.30
C VAL A 717 -22.14 -17.72 -1.88
N ARG A 718 -21.37 -18.62 -2.44
CA ARG A 718 -21.93 -19.87 -3.06
C ARG A 718 -22.44 -20.82 -2.01
N SER A 719 -23.58 -21.45 -2.29
CA SER A 719 -24.13 -22.37 -1.33
C SER A 719 -23.52 -23.77 -1.49
N HIS A 720 -22.92 -24.06 -2.64
CA HIS A 720 -22.23 -25.32 -2.85
C HIS A 720 -20.84 -24.96 -3.44
N GLY A 721 -19.86 -25.80 -3.20
CA GLY A 721 -18.56 -25.48 -3.75
C GLY A 721 -17.75 -24.58 -2.83
N ASP A 722 -16.74 -23.95 -3.43
CA ASP A 722 -15.80 -23.14 -2.66
C ASP A 722 -16.45 -21.85 -2.17
N ARG A 723 -16.12 -21.51 -0.91
CA ARG A 723 -16.65 -20.32 -0.30
C ARG A 723 -15.62 -19.18 -0.24
N SER A 724 -16.14 -17.98 -0.47
CA SER A 724 -15.35 -16.78 -0.28
C SER A 724 -14.86 -16.75 1.15
N GLY A 725 -13.70 -16.10 1.37
CA GLY A 725 -13.18 -15.96 2.73
C GLY A 725 -12.23 -14.74 2.65
N ALA A 726 -11.32 -14.59 3.62
CA ALA A 726 -10.45 -13.43 3.64
C ALA A 726 -9.61 -13.25 2.42
N TYR A 727 -9.22 -14.35 1.79
CA TYR A 727 -8.39 -14.29 0.57
C TYR A 727 -9.18 -14.27 -0.71
N LEU A 728 -10.12 -15.23 -0.81
CA LEU A 728 -10.84 -15.49 -2.08
C LEU A 728 -12.15 -14.77 -2.23
N PHE A 729 -12.44 -14.30 -3.43
CA PHE A 729 -13.73 -13.73 -3.78
C PHE A 729 -14.36 -14.73 -4.77
N LEU A 730 -15.45 -15.37 -4.29
CA LEU A 730 -16.15 -16.42 -5.10
C LEU A 730 -17.62 -16.07 -5.05
N PRO A 731 -17.98 -15.03 -5.78
CA PRO A 731 -19.39 -14.60 -5.75
C PRO A 731 -20.37 -15.60 -6.33
N ASN A 732 -21.61 -15.51 -5.85
CA ASN A 732 -22.70 -16.38 -6.38
C ASN A 732 -23.37 -15.58 -7.47
N GLY A 733 -22.63 -15.19 -8.48
CA GLY A 733 -23.19 -14.42 -9.58
C GLY A 733 -23.05 -12.92 -9.40
N PRO A 734 -23.45 -12.14 -10.37
CA PRO A 734 -23.40 -10.68 -10.35
C PRO A 734 -24.16 -10.19 -9.17
N ALA A 735 -23.77 -8.98 -8.76
CA ALA A 735 -24.38 -8.38 -7.61
C ALA A 735 -25.86 -8.00 -7.79
N SER A 736 -26.55 -7.95 -6.66
CA SER A 736 -27.97 -7.56 -6.67
C SER A 736 -28.10 -6.22 -6.00
N PRO A 737 -28.98 -5.35 -6.49
CA PRO A 737 -29.11 -4.03 -5.84
C PRO A 737 -29.52 -4.11 -4.37
N VAL A 738 -28.96 -3.21 -3.55
CA VAL A 738 -29.41 -3.13 -2.15
C VAL A 738 -30.82 -2.50 -2.23
N GLU A 739 -31.75 -3.06 -1.49
CA GLU A 739 -33.12 -2.53 -1.46
C GLU A 739 -33.03 -1.31 -0.54
N LEU A 740 -33.33 -0.16 -1.11
CA LEU A 740 -33.15 1.08 -0.32
C LEU A 740 -34.31 1.59 0.51
N GLY A 741 -35.51 1.09 0.27
CA GLY A 741 -36.64 1.63 1.02
C GLY A 741 -36.87 3.10 0.61
N GLN A 742 -37.28 3.97 1.55
CA GLN A 742 -37.46 5.41 1.23
C GLN A 742 -36.48 6.05 2.22
N PRO A 743 -35.21 6.10 1.86
CA PRO A 743 -34.23 6.67 2.80
C PRO A 743 -34.31 8.14 3.13
N VAL A 744 -33.81 8.49 4.31
CA VAL A 744 -33.79 9.90 4.73
C VAL A 744 -32.57 10.58 4.09
N VAL A 745 -32.79 11.70 3.45
CA VAL A 745 -31.77 12.44 2.74
C VAL A 745 -31.59 13.81 3.37
N LEU A 746 -30.37 14.22 3.70
CA LEU A 746 -30.07 15.50 4.28
C LEU A 746 -29.26 16.36 3.33
N VAL A 747 -29.72 17.54 3.00
CA VAL A 747 -29.05 18.43 2.09
C VAL A 747 -28.59 19.65 2.84
N THR A 748 -27.29 19.96 2.81
CA THR A 748 -26.77 21.12 3.42
C THR A 748 -26.22 21.99 2.32
N LYS A 749 -26.65 23.24 2.24
CA LYS A 749 -26.24 24.13 1.19
C LYS A 749 -25.56 25.31 1.77
N GLY A 750 -24.29 25.48 1.43
CA GLY A 750 -23.50 26.59 1.92
C GLY A 750 -22.75 27.25 0.83
N LYS A 751 -22.24 28.46 1.11
CA LYS A 751 -21.47 29.17 0.10
C LYS A 751 -20.12 28.51 -0.18
N LEU A 752 -19.52 27.92 0.84
CA LEU A 752 -18.18 27.26 0.69
C LEU A 752 -18.26 25.75 0.54
N GLU A 753 -19.28 25.11 1.09
CA GLU A 753 -19.37 23.67 1.06
C GLU A 753 -20.83 23.27 1.15
N SER A 754 -21.24 22.37 0.30
CA SER A 754 -22.60 21.82 0.33
C SER A 754 -22.48 20.32 0.31
N SER A 755 -23.55 19.62 0.69
CA SER A 755 -23.49 18.18 0.71
C SER A 755 -24.85 17.50 0.72
C SER A 755 -24.88 17.56 0.53
N VAL A 756 -24.94 16.31 0.16
CA VAL A 756 -26.13 15.51 0.17
C VAL A 756 -25.72 14.24 0.90
N SER A 757 -26.42 13.83 1.94
CA SER A 757 -26.10 12.64 2.72
C SER A 757 -27.29 11.80 2.82
N VAL A 758 -27.18 10.49 2.71
CA VAL A 758 -28.37 9.62 2.79
C VAL A 758 -28.06 8.39 3.60
N GLY A 759 -29.00 8.00 4.44
CA GLY A 759 -28.85 6.85 5.31
C GLY A 759 -29.35 5.61 4.60
N LEU A 760 -28.51 4.84 3.95
CA LEU A 760 -28.89 3.62 3.25
C LEU A 760 -28.59 2.43 4.14
N PRO A 761 -29.17 1.27 3.85
CA PRO A 761 -28.85 0.12 4.70
C PRO A 761 -27.32 -0.15 4.54
N SER A 762 -26.66 -0.24 5.68
CA SER A 762 -25.22 -0.45 5.84
C SER A 762 -24.35 0.69 5.39
N VAL A 763 -24.85 1.78 4.86
CA VAL A 763 -23.99 2.84 4.42
C VAL A 763 -24.57 4.20 4.56
N VAL A 764 -23.93 5.12 5.25
CA VAL A 764 -24.36 6.51 5.20
C VAL A 764 -23.47 7.08 4.09
N HIS A 765 -24.08 7.43 2.96
CA HIS A 765 -23.40 7.86 1.73
C HIS A 765 -23.47 9.35 1.64
N GLN A 766 -22.38 10.05 1.38
CA GLN A 766 -22.31 11.46 1.39
C GLN A 766 -21.58 11.98 0.18
N THR A 767 -22.13 12.98 -0.52
CA THR A 767 -21.47 13.67 -1.63
C THR A 767 -21.23 15.08 -1.19
N ILE A 768 -19.99 15.54 -1.14
CA ILE A 768 -19.60 16.86 -0.66
C ILE A 768 -19.04 17.68 -1.80
N MET A 769 -19.49 18.92 -1.92
CA MET A 769 -19.10 19.83 -2.98
C MET A 769 -18.44 21.05 -2.42
N ARG A 770 -17.23 21.36 -2.87
CA ARG A 770 -16.50 22.52 -2.46
C ARG A 770 -16.12 23.39 -3.62
N GLY A 771 -16.67 23.09 -4.77
CA GLY A 771 -16.34 23.95 -5.89
C GLY A 771 -15.61 23.27 -6.99
N GLY A 772 -15.09 22.05 -6.75
CA GLY A 772 -14.38 21.27 -7.78
C GLY A 772 -15.01 19.87 -7.81
N ALA A 773 -14.24 18.85 -8.14
CA ALA A 773 -14.75 17.49 -8.15
C ALA A 773 -15.28 17.15 -6.75
N PRO A 774 -16.42 16.50 -6.67
CA PRO A 774 -16.94 16.19 -5.34
C PRO A 774 -16.08 15.19 -4.57
N GLU A 775 -16.26 15.19 -3.28
CA GLU A 775 -15.69 14.21 -2.37
C GLU A 775 -16.83 13.29 -1.97
N ILE A 776 -16.63 11.99 -1.97
CA ILE A 776 -17.62 11.06 -1.54
C ILE A 776 -17.15 10.44 -0.26
N ARG A 777 -17.99 10.32 0.73
CA ARG A 777 -17.63 9.63 1.96
C ARG A 777 -18.67 8.58 2.25
N ASN A 778 -18.30 7.36 2.56
CA ASN A 778 -19.20 6.32 2.94
C ASN A 778 -18.89 5.86 4.33
N LEU A 779 -19.87 5.97 5.24
CA LEU A 779 -19.69 5.37 6.58
C LEU A 779 -20.30 4.02 6.46
N VAL A 780 -19.43 3.01 6.37
CA VAL A 780 -19.87 1.65 6.06
C VAL A 780 -19.93 0.78 7.29
N ASP A 781 -21.14 0.31 7.61
CA ASP A 781 -21.32 -0.61 8.74
C ASP A 781 -22.12 -1.79 8.29
N ILE A 782 -21.45 -2.85 7.87
CA ILE A 782 -22.12 -4.06 7.33
C ILE A 782 -22.86 -4.80 8.41
N GLY A 783 -22.65 -4.43 9.66
CA GLY A 783 -23.44 -4.99 10.75
C GLY A 783 -23.38 -6.49 10.84
N SER A 784 -24.55 -7.13 10.93
CA SER A 784 -24.53 -8.58 11.02
C SER A 784 -24.92 -9.28 9.72
N LEU A 785 -24.77 -8.60 8.59
CA LEU A 785 -25.07 -9.21 7.28
C LEU A 785 -24.05 -10.27 6.85
N ASP A 786 -24.19 -11.49 7.33
CA ASP A 786 -23.22 -12.51 6.97
C ASP A 786 -23.31 -12.83 5.47
N ASN A 787 -22.16 -13.26 4.99
CA ASN A 787 -21.99 -13.69 3.62
C ASN A 787 -22.46 -12.65 2.63
N THR A 788 -22.00 -11.42 2.85
CA THR A 788 -22.37 -10.32 2.01
C THR A 788 -21.15 -9.44 1.72
N GLU A 789 -21.04 -9.01 0.48
CA GLU A 789 -19.98 -8.03 0.14
C GLU A 789 -20.75 -6.84 -0.44
N ILE A 790 -20.55 -5.64 0.09
CA ILE A 790 -21.23 -4.44 -0.38
C ILE A 790 -20.36 -3.72 -1.37
N VAL A 791 -20.86 -3.44 -2.56
CA VAL A 791 -20.13 -2.76 -3.59
C VAL A 791 -20.75 -1.45 -3.95
N MET A 792 -19.96 -0.46 -4.22
CA MET A 792 -20.42 0.84 -4.73
C MET A 792 -20.12 0.89 -6.22
N ARG A 793 -21.13 1.06 -7.07
CA ARG A 793 -20.95 1.10 -8.51
C ARG A 793 -21.32 2.44 -9.05
N LEU A 794 -20.60 2.88 -10.08
CA LEU A 794 -20.89 4.06 -10.86
C LEU A 794 -21.31 3.56 -12.25
N GLU A 795 -22.47 4.04 -12.71
CA GLU A 795 -22.99 3.69 -14.06
C GLU A 795 -22.98 4.92 -14.90
N THR A 796 -22.33 4.84 -16.06
CA THR A 796 -22.26 5.95 -16.94
C THR A 796 -22.55 5.42 -18.37
N HIS A 797 -22.53 6.37 -19.28
CA HIS A 797 -22.78 5.90 -20.66
C HIS A 797 -21.47 5.99 -21.42
N ILE A 798 -20.30 6.22 -20.73
CA ILE A 798 -18.95 6.33 -21.34
C ILE A 798 -18.69 5.01 -22.07
N ASP A 799 -18.27 5.13 -23.36
CA ASP A 799 -18.07 3.95 -24.18
C ASP A 799 -16.68 3.36 -24.02
N SER A 800 -16.50 2.81 -22.83
CA SER A 800 -15.21 2.25 -22.45
C SER A 800 -15.02 0.85 -22.95
N GLY A 801 -16.08 0.11 -23.31
CA GLY A 801 -15.93 -1.22 -23.80
C GLY A 801 -15.49 -2.14 -22.71
N ASP A 802 -14.33 -2.78 -22.95
CA ASP A 802 -13.79 -3.70 -21.98
C ASP A 802 -12.51 -3.16 -21.32
N ILE A 803 -12.24 -1.89 -21.51
CA ILE A 803 -11.01 -1.29 -20.94
C ILE A 803 -11.27 -0.46 -19.70
N PHE A 804 -10.37 -0.57 -18.70
CA PHE A 804 -10.40 0.32 -17.56
C PHE A 804 -8.97 0.43 -17.05
N TYR A 805 -8.78 1.29 -16.10
CA TYR A 805 -7.41 1.50 -15.59
C TYR A 805 -7.48 1.47 -14.08
N THR A 806 -6.47 0.87 -13.46
CA THR A 806 -6.38 0.82 -11.98
C THR A 806 -4.93 1.15 -11.66
N ASP A 807 -4.68 1.61 -10.44
CA ASP A 807 -3.28 1.89 -10.12
C ASP A 807 -2.60 0.76 -9.42
N LEU A 808 -1.27 0.88 -9.45
CA LEU A 808 -0.39 -0.08 -8.75
C LEU A 808 0.34 0.70 -7.69
N ASN A 809 -0.02 0.41 -6.42
CA ASN A 809 0.67 0.96 -5.24
C ASN A 809 0.71 2.46 -5.21
N GLY A 810 -0.28 3.11 -5.85
CA GLY A 810 -0.26 4.59 -5.78
C GLY A 810 0.86 5.19 -6.65
N LEU A 811 1.50 4.39 -7.50
CA LEU A 811 2.65 4.84 -8.26
C LEU A 811 2.36 5.02 -9.76
N GLN A 812 1.52 4.17 -10.34
CA GLN A 812 1.36 4.15 -11.80
C GLN A 812 -0.01 3.59 -12.08
N PHE A 813 -0.58 3.95 -13.23
CA PHE A 813 -1.87 3.38 -13.68
C PHE A 813 -1.62 2.43 -14.79
N ILE A 814 -2.22 1.26 -14.68
CA ILE A 814 -2.05 0.23 -15.67
C ILE A 814 -3.37 -0.10 -16.35
N LYS A 815 -3.30 -0.32 -17.67
CA LYS A 815 -4.48 -0.70 -18.42
C LYS A 815 -4.93 -2.10 -18.11
N ARG A 816 -6.20 -2.26 -17.83
CA ARG A 816 -6.84 -3.52 -17.59
C ARG A 816 -7.81 -3.81 -18.74
N ARG A 817 -7.97 -5.10 -19.07
CA ARG A 817 -8.99 -5.41 -20.05
C ARG A 817 -9.85 -6.48 -19.38
N ARG A 818 -11.17 -6.17 -19.28
CA ARG A 818 -12.08 -7.15 -18.75
C ARG A 818 -12.13 -8.37 -19.70
N LEU A 819 -12.03 -9.57 -19.16
CA LEU A 819 -12.00 -10.76 -20.01
C LEU A 819 -13.18 -11.65 -19.61
N ASP A 820 -14.10 -11.79 -20.58
CA ASP A 820 -15.26 -12.61 -20.30
C ASP A 820 -14.91 -14.09 -20.30
N LYS A 821 -13.71 -14.44 -20.77
CA LYS A 821 -13.28 -15.83 -20.66
C LYS A 821 -12.85 -16.16 -19.24
N LEU A 822 -12.74 -15.14 -18.38
CA LEU A 822 -12.40 -15.44 -16.95
C LEU A 822 -13.65 -15.10 -16.10
N PRO A 823 -13.74 -15.69 -14.91
CA PRO A 823 -14.90 -15.43 -14.05
C PRO A 823 -14.86 -14.02 -13.47
N LEU A 824 -16.00 -13.56 -12.96
CA LEU A 824 -16.13 -12.25 -12.43
C LEU A 824 -14.96 -11.87 -11.44
N GLN A 825 -14.65 -12.76 -10.52
CA GLN A 825 -13.63 -12.42 -9.51
C GLN A 825 -12.25 -12.25 -10.09
N ALA A 826 -12.00 -12.82 -11.30
CA ALA A 826 -10.69 -12.64 -11.91
C ALA A 826 -10.58 -11.25 -12.50
N ASN A 827 -11.71 -10.58 -12.77
CA ASN A 827 -11.73 -9.23 -13.32
C ASN A 827 -11.68 -8.10 -12.28
N TYR A 828 -11.61 -8.55 -11.03
CA TYR A 828 -11.36 -7.60 -9.91
C TYR A 828 -9.84 -7.42 -9.75
N TYR A 829 -9.46 -6.19 -9.55
CA TYR A 829 -8.05 -5.81 -9.37
C TYR A 829 -7.93 -4.91 -8.16
N PRO A 830 -6.68 -4.78 -7.67
CA PRO A 830 -6.51 -3.89 -6.51
C PRO A 830 -6.76 -2.43 -6.99
N ILE A 831 -7.43 -1.63 -6.15
CA ILE A 831 -7.61 -0.21 -6.36
C ILE A 831 -6.90 0.43 -5.19
N PRO A 832 -5.56 0.50 -5.24
CA PRO A 832 -4.87 1.07 -4.09
C PRO A 832 -5.05 2.53 -3.97
N SER A 833 -5.29 3.28 -5.06
CA SER A 833 -5.50 4.71 -4.95
C SER A 833 -6.43 5.30 -6.01
N GLY A 834 -6.72 4.55 -7.08
CA GLY A 834 -7.65 5.14 -8.04
C GLY A 834 -7.87 4.22 -9.21
N MET A 835 -8.93 4.59 -9.94
CA MET A 835 -9.32 3.82 -11.13
C MET A 835 -10.06 4.78 -12.07
N PHE A 836 -10.05 4.44 -13.37
CA PHE A 836 -10.80 5.28 -14.30
C PHE A 836 -11.20 4.51 -15.51
N ILE A 837 -12.26 5.06 -16.16
CA ILE A 837 -12.71 4.59 -17.49
C ILE A 837 -12.78 5.79 -18.38
N GLU A 838 -12.61 5.54 -19.69
CA GLU A 838 -12.68 6.63 -20.63
C GLU A 838 -13.04 6.15 -22.03
N ASP A 839 -13.53 7.13 -22.78
CA ASP A 839 -13.72 6.87 -24.22
C ASP A 839 -12.99 7.99 -24.94
N ALA A 840 -13.33 8.24 -26.23
CA ALA A 840 -12.62 9.29 -26.91
C ALA A 840 -12.77 10.63 -26.31
N ASN A 841 -13.92 10.87 -25.68
CA ASN A 841 -14.21 12.19 -25.19
C ASN A 841 -14.28 12.50 -23.71
N THR A 842 -14.63 11.45 -22.98
CA THR A 842 -14.96 11.60 -21.56
C THR A 842 -14.21 10.58 -20.71
N ARG A 843 -13.82 11.03 -19.53
CA ARG A 843 -13.21 10.12 -18.54
C ARG A 843 -13.88 10.34 -17.17
N LEU A 844 -14.04 9.21 -16.47
CA LEU A 844 -14.52 9.25 -15.07
C LEU A 844 -13.41 8.57 -14.25
N THR A 845 -12.86 9.36 -13.31
CA THR A 845 -11.81 8.82 -12.40
C THR A 845 -12.33 8.85 -10.96
N LEU A 846 -12.19 7.73 -10.27
CA LEU A 846 -12.54 7.63 -8.89
C LEU A 846 -11.20 7.48 -8.10
N LEU A 847 -10.86 8.47 -7.27
CA LEU A 847 -9.64 8.39 -6.43
C LEU A 847 -10.09 7.90 -5.07
N THR A 848 -9.24 7.10 -4.41
CA THR A 848 -9.59 6.54 -3.08
C THR A 848 -8.61 6.92 -1.98
N GLY A 849 -9.13 6.99 -0.76
CA GLY A 849 -8.27 7.26 0.39
C GLY A 849 -7.91 5.98 1.11
N GLN A 850 -8.15 4.85 0.48
CA GLN A 850 -7.88 3.54 1.07
C GLN A 850 -7.88 2.50 -0.03
N PRO A 851 -7.07 1.46 0.11
CA PRO A 851 -7.05 0.41 -0.95
C PRO A 851 -8.26 -0.48 -0.78
N LEU A 852 -8.93 -0.74 -1.95
CA LEU A 852 -10.10 -1.62 -1.97
C LEU A 852 -10.08 -2.39 -3.28
N GLY A 853 -10.91 -3.39 -3.44
CA GLY A 853 -10.92 -4.08 -4.73
C GLY A 853 -11.98 -3.53 -5.66
N GLY A 854 -11.76 -3.64 -6.95
CA GLY A 854 -12.73 -3.06 -7.85
C GLY A 854 -12.56 -3.55 -9.27
N SER A 855 -13.47 -3.07 -10.14
CA SER A 855 -13.44 -3.54 -11.53
C SER A 855 -14.32 -2.64 -12.33
N SER A 856 -14.40 -2.99 -13.63
CA SER A 856 -15.38 -2.35 -14.54
C SER A 856 -15.98 -3.59 -15.21
N LEU A 857 -17.17 -4.04 -14.79
CA LEU A 857 -17.75 -5.28 -15.28
C LEU A 857 -18.59 -5.15 -16.54
N ALA A 858 -18.75 -3.92 -16.93
CA ALA A 858 -19.47 -3.56 -18.18
C ALA A 858 -19.08 -2.22 -18.64
N SER A 859 -19.18 -1.94 -19.95
CA SER A 859 -18.81 -0.69 -20.49
C SER A 859 -19.53 0.42 -19.74
N GLY A 860 -18.81 1.48 -19.44
CA GLY A 860 -19.37 2.62 -18.74
C GLY A 860 -19.44 2.44 -17.22
N GLU A 861 -19.06 1.30 -16.66
CA GLU A 861 -19.13 1.17 -15.21
C GLU A 861 -17.80 1.17 -14.48
N LEU A 862 -17.87 1.58 -13.23
CA LEU A 862 -16.68 1.44 -12.31
C LEU A 862 -17.35 0.85 -11.07
N GLU A 863 -16.70 0.00 -10.31
CA GLU A 863 -17.24 -0.44 -9.05
C GLU A 863 -16.08 -0.73 -8.10
N ILE A 864 -16.36 -0.51 -6.83
CA ILE A 864 -15.33 -0.70 -5.78
C ILE A 864 -16.00 -1.27 -4.54
N MET A 865 -15.45 -2.33 -4.00
CA MET A 865 -16.00 -2.99 -2.85
C MET A 865 -15.78 -2.17 -1.59
N GLN A 866 -16.79 -2.14 -0.74
CA GLN A 866 -16.73 -1.33 0.48
C GLN A 866 -16.38 -2.16 1.68
N ASP A 867 -17.02 -3.32 1.87
CA ASP A 867 -16.67 -4.24 2.97
C ASP A 867 -17.21 -5.61 2.64
N ARG A 868 -16.78 -6.60 3.38
CA ARG A 868 -17.24 -7.95 3.11
C ARG A 868 -17.23 -8.66 4.45
N ARG A 869 -18.30 -9.43 4.68
CA ARG A 869 -18.48 -10.18 5.95
C ARG A 869 -18.77 -11.58 5.51
N LEU A 870 -17.90 -12.48 5.92
CA LEU A 870 -17.94 -13.89 5.44
C LEU A 870 -17.90 -14.87 6.58
N ALA A 871 -18.88 -15.77 6.59
CA ALA A 871 -18.94 -16.73 7.67
C ALA A 871 -18.00 -17.93 7.51
N SER A 872 -17.58 -18.20 6.31
CA SER A 872 -16.75 -19.38 6.12
C SER A 872 -15.28 -19.10 5.88
N ASP A 873 -14.48 -20.09 6.21
CA ASP A 873 -13.03 -20.07 5.96
C ASP A 873 -12.86 -20.51 4.49
N ASP A 874 -11.85 -19.95 3.82
CA ASP A 874 -11.60 -20.28 2.43
C ASP A 874 -10.44 -21.24 2.20
N GLU A 875 -10.14 -22.07 3.19
CA GLU A 875 -9.19 -23.15 3.00
C GLU A 875 -7.79 -22.79 2.63
N ARG A 876 -7.34 -21.63 3.11
CA ARG A 876 -5.94 -21.25 2.90
C ARG A 876 -5.15 -21.22 4.17
N GLY A 877 -5.72 -21.73 5.26
CA GLY A 877 -4.98 -21.82 6.50
C GLY A 877 -5.36 -20.86 7.58
N LEU A 878 -6.19 -19.86 7.28
CA LEU A 878 -6.53 -18.88 8.28
C LEU A 878 -7.41 -19.48 9.38
N GLY A 879 -8.28 -20.40 8.97
CA GLY A 879 -9.16 -21.11 9.92
C GLY A 879 -10.29 -20.26 10.48
N GLN A 880 -10.71 -19.23 9.77
CA GLN A 880 -11.83 -18.42 10.21
C GLN A 880 -12.33 -17.62 9.02
N GLY A 881 -13.55 -17.14 9.12
CA GLY A 881 -14.11 -16.24 8.11
C GLY A 881 -13.72 -14.83 8.53
N VAL A 882 -14.51 -13.88 8.07
CA VAL A 882 -14.26 -12.48 8.38
C VAL A 882 -15.57 -12.00 8.98
N LEU A 883 -15.58 -11.95 10.31
CA LEU A 883 -16.83 -11.57 11.03
C LEU A 883 -16.54 -10.52 12.08
N ASP A 884 -15.43 -9.84 11.91
CA ASP A 884 -14.98 -8.82 12.87
C ASP A 884 -15.05 -7.41 12.28
N ASN A 885 -15.95 -7.21 11.37
CA ASN A 885 -16.15 -5.92 10.75
C ASN A 885 -16.48 -4.85 11.77
N LYS A 886 -16.11 -3.63 11.44
CA LYS A 886 -16.43 -2.47 12.27
C LYS A 886 -16.64 -1.28 11.35
N PRO A 887 -17.39 -0.29 11.81
CA PRO A 887 -17.64 0.86 10.96
C PRO A 887 -16.38 1.51 10.45
N VAL A 888 -16.38 1.88 9.16
CA VAL A 888 -15.24 2.53 8.59
C VAL A 888 -15.72 3.64 7.71
N LEU A 889 -14.99 4.75 7.70
CA LEU A 889 -15.31 5.84 6.83
C LEU A 889 -14.39 5.85 5.62
N HIS A 890 -14.91 5.41 4.48
CA HIS A 890 -14.18 5.43 3.23
C HIS A 890 -14.31 6.76 2.56
N ILE A 891 -13.24 7.25 1.96
CA ILE A 891 -13.26 8.54 1.30
C ILE A 891 -12.79 8.42 -0.14
N TYR A 892 -13.33 9.28 -1.00
CA TYR A 892 -13.05 9.33 -2.43
C TYR A 892 -13.18 10.69 -3.02
N ARG A 893 -12.62 10.87 -4.24
CA ARG A 893 -12.94 12.06 -5.06
C ARG A 893 -13.41 11.45 -6.37
N LEU A 894 -14.40 12.14 -6.98
CA LEU A 894 -15.01 11.67 -8.26
C LEU A 894 -14.79 12.77 -9.29
N VAL A 895 -13.97 12.50 -10.30
CA VAL A 895 -13.59 13.51 -11.28
C VAL A 895 -14.06 13.12 -12.67
N LEU A 896 -15.04 13.84 -13.18
CA LEU A 896 -15.56 13.66 -14.56
C LEU A 896 -14.87 14.77 -15.36
N GLU A 897 -14.28 14.37 -16.49
CA GLU A 897 -13.55 15.32 -17.30
C GLU A 897 -13.71 15.05 -18.77
N LYS A 898 -13.51 16.10 -19.56
CA LYS A 898 -13.45 15.94 -21.03
C LYS A 898 -11.99 15.66 -21.36
N VAL A 899 -11.73 14.63 -22.16
CA VAL A 899 -10.37 14.31 -22.45
C VAL A 899 -10.06 14.24 -23.95
N ASN A 900 -11.00 14.71 -24.78
CA ASN A 900 -10.78 14.65 -26.24
C ASN A 900 -9.55 15.49 -26.66
N ASN A 901 -9.17 16.48 -25.88
CA ASN A 901 -8.00 17.30 -26.18
C ASN A 901 -6.70 16.80 -25.53
N CYS A 902 -6.78 15.76 -24.71
CA CYS A 902 -5.57 15.27 -24.04
C CYS A 902 -4.68 14.43 -24.92
N VAL A 903 -3.38 14.60 -24.76
CA VAL A 903 -2.44 13.77 -25.49
C VAL A 903 -2.29 12.45 -24.69
N ARG A 904 -2.91 11.40 -25.16
CA ARG A 904 -2.92 10.13 -24.48
C ARG A 904 -2.06 9.12 -25.18
N PRO A 905 -1.69 8.04 -24.48
CA PRO A 905 -0.88 7.00 -25.12
C PRO A 905 -1.69 6.38 -26.25
N SER A 906 -1.01 5.73 -27.19
CA SER A 906 -1.68 5.04 -28.27
C SER A 906 -2.41 3.82 -27.71
N LYS A 907 -3.24 3.23 -28.54
CA LYS A 907 -4.03 2.09 -28.16
C LYS A 907 -3.23 0.92 -27.67
N LEU A 908 -1.99 0.78 -28.14
CA LEU A 908 -1.23 -0.38 -27.72
C LEU A 908 -0.38 -0.15 -26.46
N HIS A 909 -0.41 1.06 -25.93
CA HIS A 909 0.42 1.36 -24.74
C HIS A 909 -0.26 0.71 -23.52
N PRO A 910 0.51 0.07 -22.65
CA PRO A 910 -0.09 -0.58 -21.47
C PRO A 910 -0.38 0.35 -20.29
N ALA A 911 0.03 1.61 -20.35
CA ALA A 911 -0.19 2.50 -19.21
C ALA A 911 -1.27 3.51 -19.47
N GLY A 912 -1.71 4.14 -18.39
CA GLY A 912 -2.53 5.34 -18.51
C GLY A 912 -1.99 6.39 -17.53
N TYR A 913 -2.46 7.62 -17.60
CA TYR A 913 -1.97 8.69 -16.76
C TYR A 913 -3.09 9.58 -16.34
N LEU A 914 -2.98 10.11 -15.14
CA LEU A 914 -3.97 11.04 -14.63
C LEU A 914 -3.83 12.41 -15.24
N THR A 915 -4.94 13.15 -15.12
CA THR A 915 -4.93 14.57 -15.45
C THR A 915 -4.49 15.31 -14.19
N SER A 916 -4.16 16.59 -14.32
CA SER A 916 -3.85 17.40 -13.20
C SER A 916 -4.91 17.41 -12.12
N ALA A 917 -6.16 17.54 -12.51
CA ALA A 917 -7.21 17.64 -11.47
C ALA A 917 -7.35 16.32 -10.75
N ALA A 918 -7.17 15.20 -11.44
CA ALA A 918 -7.32 13.89 -10.74
C ALA A 918 -6.14 13.66 -9.81
N HIS A 919 -4.94 14.02 -10.24
CA HIS A 919 -3.80 13.87 -9.37
C HIS A 919 -3.97 14.75 -8.15
N LYS A 920 -4.37 16.02 -8.31
CA LYS A 920 -4.57 16.86 -7.11
C LYS A 920 -5.64 16.27 -6.23
N ALA A 921 -6.68 15.72 -6.81
CA ALA A 921 -7.75 15.10 -5.99
C ALA A 921 -7.19 13.92 -5.18
N SER A 922 -6.33 13.11 -5.81
CA SER A 922 -5.71 12.03 -5.03
C SER A 922 -4.86 12.58 -3.88
N GLN A 923 -4.10 13.62 -4.13
CA GLN A 923 -3.28 14.21 -3.09
C GLN A 923 -4.17 14.75 -1.98
N SER A 924 -5.38 15.25 -2.29
CA SER A 924 -6.26 15.81 -1.26
C SER A 924 -6.74 14.71 -0.32
N LEU A 925 -6.81 13.48 -0.82
CA LEU A 925 -7.22 12.34 0.00
C LEU A 925 -6.09 11.74 0.81
N LEU A 926 -4.92 11.61 0.19
CA LEU A 926 -3.81 10.95 0.84
C LEU A 926 -2.96 11.85 1.68
N ASP A 927 -2.79 13.08 1.28
CA ASP A 927 -1.93 14.00 2.03
C ASP A 927 -2.60 15.36 2.21
N PRO A 928 -3.72 15.36 2.95
CA PRO A 928 -4.45 16.62 3.20
C PRO A 928 -3.63 17.56 4.09
N LEU A 929 -4.09 18.80 4.25
CA LEU A 929 -3.47 19.64 5.26
C LEU A 929 -3.69 18.98 6.61
N ASP A 930 -2.70 19.12 7.49
CA ASP A 930 -2.84 18.70 8.90
C ASP A 930 -3.35 19.89 9.70
N LYS A 931 -4.12 19.64 10.74
CA LYS A 931 -4.72 20.73 11.52
C LYS A 931 -4.37 20.55 12.96
N PHE A 932 -3.91 21.65 13.56
CA PHE A 932 -3.50 21.68 14.95
C PHE A 932 -4.29 22.71 15.76
N ILE A 933 -4.74 22.34 16.95
CA ILE A 933 -5.50 23.31 17.77
C ILE A 933 -4.61 23.63 18.96
N PHE A 934 -4.28 24.92 19.20
CA PHE A 934 -3.42 25.22 20.34
C PHE A 934 -4.14 24.78 21.63
N ALA A 935 -3.45 24.10 22.51
CA ALA A 935 -4.11 23.50 23.64
C ALA A 935 -4.29 24.28 24.91
N GLU A 936 -3.58 25.40 25.05
CA GLU A 936 -3.68 26.21 26.27
C GLU A 936 -4.38 27.52 25.89
N ASN A 937 -4.53 28.44 26.85
CA ASN A 937 -5.26 29.65 26.52
C ASN A 937 -4.55 30.66 25.71
N GLU A 938 -3.25 30.80 25.96
CA GLU A 938 -2.47 31.79 25.28
C GLU A 938 -1.16 31.20 24.76
N TRP A 939 -0.87 31.53 23.50
CA TRP A 939 0.38 31.04 22.86
C TRP A 939 1.32 32.22 22.84
N ILE A 940 2.23 32.27 23.82
CA ILE A 940 3.17 33.39 23.85
C ILE A 940 4.24 33.23 22.76
N GLY A 941 4.45 34.27 21.99
CA GLY A 941 5.46 34.24 20.93
C GLY A 941 5.02 33.63 19.60
N ALA A 942 3.72 33.44 19.43
CA ALA A 942 3.17 32.86 18.21
C ALA A 942 3.53 33.59 16.96
N GLN A 943 3.82 32.87 15.87
CA GLN A 943 4.12 33.42 14.58
C GLN A 943 3.13 32.98 13.55
N GLY A 944 2.99 33.69 12.47
CA GLY A 944 1.95 33.44 11.52
C GLY A 944 2.19 32.45 10.41
N GLN A 945 3.44 32.19 10.12
CA GLN A 945 3.70 31.31 8.96
C GLN A 945 5.09 30.76 9.04
N PHE A 946 5.27 29.59 8.44
CA PHE A 946 6.60 28.98 8.29
C PHE A 946 6.65 28.47 6.87
N GLY A 947 7.77 28.66 6.17
CA GLY A 947 7.95 28.16 4.83
C GLY A 947 7.53 29.06 3.70
N GLY A 948 7.23 30.35 3.99
CA GLY A 948 6.85 31.24 2.91
C GLY A 948 7.93 31.38 1.85
N ASP A 949 9.18 31.13 2.22
CA ASP A 949 10.25 31.17 1.24
C ASP A 949 10.62 29.84 0.61
N HIS A 950 9.86 28.77 0.92
CA HIS A 950 10.16 27.47 0.29
C HIS A 950 9.71 27.51 -1.17
N PRO A 951 10.45 26.93 -2.11
CA PRO A 951 10.06 26.95 -3.51
C PRO A 951 8.74 26.22 -3.72
N SER A 952 7.91 26.70 -4.63
CA SER A 952 6.64 26.07 -4.91
C SER A 952 6.90 25.35 -6.21
N ALA A 953 7.08 24.01 -6.11
CA ALA A 953 7.48 23.20 -7.24
C ALA A 953 6.36 22.85 -8.18
N ARG A 954 6.68 22.49 -9.41
CA ARG A 954 5.70 22.09 -10.37
C ARG A 954 4.79 21.01 -9.77
N GLU A 955 3.52 21.03 -10.17
CA GLU A 955 2.49 20.19 -9.57
C GLU A 955 2.75 18.70 -9.64
N ASP A 956 3.51 18.27 -10.65
CA ASP A 956 3.78 16.81 -10.77
C ASP A 956 4.92 16.34 -9.90
N LEU A 957 5.56 17.24 -9.17
CA LEU A 957 6.70 16.82 -8.34
C LEU A 957 6.28 16.76 -6.88
N ASP A 958 6.72 15.72 -6.18
CA ASP A 958 6.49 15.63 -4.76
C ASP A 958 7.78 15.32 -4.02
N VAL A 959 7.86 15.84 -2.81
CA VAL A 959 8.91 15.45 -1.84
C VAL A 959 8.22 14.36 -1.01
N SER A 960 8.33 13.12 -1.48
CA SER A 960 7.68 11.98 -0.86
C SER A 960 8.15 11.75 0.54
N VAL A 961 9.46 11.94 0.77
CA VAL A 961 10.07 11.76 2.08
C VAL A 961 11.06 12.91 2.32
N MET A 962 10.98 13.47 3.54
CA MET A 962 12.06 14.34 4.03
C MET A 962 12.33 13.74 5.41
N ARG A 963 13.60 13.31 5.63
CA ARG A 963 13.97 12.68 6.86
C ARG A 963 15.36 13.08 7.31
N ARG A 964 15.50 13.63 8.53
CA ARG A 964 16.88 13.91 8.99
C ARG A 964 17.45 12.54 9.38
N LEU A 965 18.68 12.32 8.90
CA LEU A 965 19.34 11.00 9.05
C LEU A 965 20.34 10.93 10.18
N THR A 966 20.61 12.08 10.81
CA THR A 966 21.59 12.17 11.89
C THR A 966 20.97 12.67 13.17
N LYS A 967 21.51 12.19 14.29
CA LYS A 967 21.12 12.68 15.61
C LYS A 967 21.95 13.97 15.90
N SER A 968 21.57 14.66 16.98
CA SER A 968 22.13 15.97 17.22
C SER A 968 23.61 16.01 17.54
N SER A 969 24.15 14.87 17.96
CA SER A 969 25.59 14.91 18.24
C SER A 969 26.50 14.82 17.01
N ALA A 970 25.96 14.57 15.81
CA ALA A 970 26.76 14.53 14.58
C ALA A 970 27.20 15.91 14.15
N LYS A 971 28.53 16.09 14.00
CA LYS A 971 29.07 17.35 13.55
C LYS A 971 28.49 17.71 12.18
N THR A 972 28.42 16.71 11.30
CA THR A 972 27.89 16.98 9.98
C THR A 972 26.44 16.41 9.93
N GLN A 973 25.46 17.31 9.88
CA GLN A 973 24.06 16.83 9.80
C GLN A 973 23.75 16.38 8.37
N ARG A 974 22.86 15.37 8.27
CA ARG A 974 22.49 14.87 6.95
C ARG A 974 20.95 14.77 6.90
N VAL A 975 20.39 15.23 5.79
CA VAL A 975 18.94 15.15 5.60
C VAL A 975 18.70 14.49 4.28
N GLY A 976 17.81 13.49 4.31
CA GLY A 976 17.49 12.75 3.09
C GLY A 976 16.14 13.13 2.55
N TYR A 977 16.07 13.17 1.24
CA TYR A 977 14.84 13.49 0.50
C TYR A 977 14.58 12.45 -0.58
N VAL A 978 13.32 12.00 -0.70
CA VAL A 978 12.93 11.17 -1.83
C VAL A 978 12.03 12.08 -2.69
N LEU A 979 12.42 12.30 -3.94
CA LEU A 979 11.71 13.17 -4.88
C LEU A 979 11.08 12.33 -5.97
C LEU A 979 11.00 12.16 -5.87
N HIS A 980 9.74 12.39 -6.09
CA HIS A 980 9.00 11.63 -7.07
C HIS A 980 8.30 12.54 -8.08
N ARG A 981 8.49 12.33 -9.36
CA ARG A 981 7.70 13.12 -10.32
C ARG A 981 6.78 12.15 -11.00
N THR A 982 5.49 12.40 -10.95
CA THR A 982 4.51 11.56 -11.68
C THR A 982 4.45 12.11 -13.14
N ASN A 983 3.54 11.57 -13.90
CA ASN A 983 3.35 12.07 -15.29
C ASN A 983 1.87 12.36 -15.47
N LEU A 984 1.60 13.62 -15.78
CA LEU A 984 0.20 14.10 -15.95
C LEU A 984 -0.03 14.40 -17.40
N MET A 985 -1.24 14.13 -17.83
CA MET A 985 -1.57 14.36 -19.26
C MET A 985 -1.56 15.79 -19.63
N GLN A 986 -1.07 16.03 -20.83
CA GLN A 986 -1.09 17.40 -21.36
C GLN A 986 -2.46 17.52 -22.02
N CYS A 987 -3.30 18.46 -21.51
CA CYS A 987 -4.64 18.59 -22.13
C CYS A 987 -4.94 19.99 -22.56
N GLY A 988 -3.92 20.81 -22.77
CA GLY A 988 -4.19 22.17 -23.22
C GLY A 988 -4.20 23.27 -22.21
N THR A 989 -3.88 22.96 -20.96
CA THR A 989 -3.85 24.02 -19.95
C THR A 989 -2.44 24.55 -19.87
N PRO A 990 -2.26 25.85 -20.15
CA PRO A 990 -0.91 26.43 -20.09
C PRO A 990 -0.28 26.18 -18.71
N GLU A 991 -1.09 26.30 -17.66
CA GLU A 991 -0.64 26.15 -16.27
C GLU A 991 0.88 26.05 -16.08
N GLU A 992 1.54 27.20 -15.95
CA GLU A 992 2.99 27.21 -15.81
C GLU A 992 3.62 27.92 -14.60
N HIS A 993 4.59 28.79 -14.89
CA HIS A 993 5.37 29.54 -13.89
C HIS A 993 5.44 28.96 -12.46
N THR A 994 6.45 28.11 -12.24
CA THR A 994 6.70 27.51 -10.92
C THR A 994 8.20 27.64 -10.63
N GLN A 995 8.65 27.40 -9.39
CA GLN A 995 10.07 27.53 -9.13
C GLN A 995 10.78 26.18 -9.21
N LYS A 996 12.04 26.15 -9.42
CA LYS A 996 12.82 24.94 -9.36
C LYS A 996 12.98 24.59 -7.88
N LEU A 997 12.80 23.31 -7.58
CA LEU A 997 12.99 22.90 -6.20
C LEU A 997 14.34 22.17 -6.15
N ASP A 998 15.23 22.70 -5.33
CA ASP A 998 16.53 22.07 -5.09
C ASP A 998 16.49 21.68 -3.60
N VAL A 999 16.20 20.41 -3.35
CA VAL A 999 16.08 20.01 -1.96
C VAL A 999 17.35 20.20 -1.14
N CYS A 1000 18.51 20.20 -1.81
CA CYS A 1000 19.73 20.35 -1.07
C CYS A 1000 19.97 21.72 -0.43
N HIS A 1001 19.22 22.71 -0.92
CA HIS A 1001 19.34 24.03 -0.36
C HIS A 1001 18.13 24.39 0.51
N LEU A 1002 17.29 23.41 0.86
CA LEU A 1002 16.17 23.72 1.76
C LEU A 1002 16.63 24.03 3.18
N LEU A 1003 17.74 23.45 3.64
CA LEU A 1003 18.30 23.74 4.95
C LEU A 1003 19.56 24.56 4.68
N PRO A 1004 19.88 25.44 5.60
CA PRO A 1004 21.06 26.28 5.37
C PRO A 1004 22.39 25.58 5.62
N ASN A 1005 23.43 26.29 5.24
CA ASN A 1005 24.79 25.81 5.43
C ASN A 1005 25.06 24.45 4.80
N VAL A 1006 24.59 24.27 3.59
CA VAL A 1006 24.84 23.02 2.90
C VAL A 1006 26.36 22.93 2.53
N ALA A 1007 26.93 21.76 2.71
CA ALA A 1007 28.36 21.52 2.47
C ALA A 1007 28.51 20.46 1.40
N ARG A 1008 27.48 19.64 1.17
CA ARG A 1008 27.58 18.63 0.13
C ARG A 1008 26.18 18.17 -0.21
N CYS A 1009 25.99 17.72 -1.44
CA CYS A 1009 24.71 17.17 -1.90
C CYS A 1009 25.07 15.93 -2.67
N GLU A 1010 24.42 14.80 -2.35
CA GLU A 1010 24.69 13.57 -3.05
C GLU A 1010 23.39 12.90 -3.48
N ARG A 1011 23.41 12.32 -4.63
CA ARG A 1011 22.28 11.48 -5.04
C ARG A 1011 22.58 10.11 -4.42
N THR A 1012 21.56 9.46 -3.87
CA THR A 1012 21.74 8.14 -3.23
C THR A 1012 20.70 7.15 -3.71
N THR A 1013 20.91 5.90 -3.34
CA THR A 1013 19.86 4.94 -3.49
C THR A 1013 18.63 5.41 -2.67
N LEU A 1014 17.46 4.83 -2.95
CA LEU A 1014 16.24 5.35 -2.30
C LEU A 1014 16.15 5.12 -0.84
N THR A 1015 16.97 4.19 -0.32
CA THR A 1015 17.08 3.87 1.08
C THR A 1015 18.10 4.77 1.76
N PHE A 1016 18.76 5.67 1.00
CA PHE A 1016 19.81 6.60 1.50
C PHE A 1016 21.09 5.86 1.89
N LEU A 1017 21.21 4.58 1.58
CA LEU A 1017 22.37 3.78 2.08
C LEU A 1017 23.59 3.80 1.22
N GLN A 1018 23.53 4.22 -0.03
CA GLN A 1018 24.73 4.26 -0.88
C GLN A 1018 24.76 5.56 -1.65
N ASN A 1019 25.91 6.24 -1.66
CA ASN A 1019 26.04 7.46 -2.43
C ASN A 1019 26.31 7.10 -3.86
N LEU A 1020 25.57 7.66 -4.78
CA LEU A 1020 25.70 7.37 -6.19
C LEU A 1020 26.34 8.48 -7.01
N GLU A 1021 26.20 9.71 -6.59
CA GLU A 1021 26.75 10.86 -7.33
C GLU A 1021 26.98 12.04 -6.43
N HIS A 1022 28.12 12.72 -6.56
CA HIS A 1022 28.45 13.90 -5.75
C HIS A 1022 28.01 15.02 -6.67
N LEU A 1023 27.11 15.86 -6.20
CA LEU A 1023 26.50 16.84 -7.08
C LEU A 1023 27.14 18.21 -7.11
N ASP A 1024 27.40 18.63 -8.34
CA ASP A 1024 28.01 19.92 -8.60
C ASP A 1024 27.19 21.05 -8.05
N GLY A 1025 27.89 21.94 -7.37
CA GLY A 1025 27.26 23.11 -6.80
C GLY A 1025 26.29 22.81 -5.70
N MET A 1026 26.31 21.56 -5.20
CA MET A 1026 25.43 21.15 -4.11
C MET A 1026 23.96 21.31 -4.54
N VAL A 1027 23.69 21.13 -5.82
CA VAL A 1027 22.34 21.27 -6.33
C VAL A 1027 21.73 19.92 -6.68
N ALA A 1028 20.55 19.66 -6.14
CA ALA A 1028 19.87 18.38 -6.44
C ALA A 1028 18.95 18.62 -7.59
N PRO A 1029 19.22 18.01 -8.73
CA PRO A 1029 18.35 18.22 -9.90
C PRO A 1029 16.95 17.62 -9.71
N GLU A 1030 15.95 18.17 -10.38
CA GLU A 1030 14.64 17.54 -10.30
C GLU A 1030 14.69 16.29 -11.20
N VAL A 1031 13.72 15.42 -10.99
CA VAL A 1031 13.71 14.19 -11.72
C VAL A 1031 12.77 14.20 -12.88
N CYS A 1032 12.91 13.23 -13.77
CA CYS A 1032 12.04 13.08 -14.95
C CYS A 1032 10.68 12.47 -14.60
N PRO A 1033 9.68 12.64 -15.48
CA PRO A 1033 8.36 12.06 -15.25
C PRO A 1033 8.52 10.54 -15.03
N MET A 1034 7.78 10.07 -14.03
CA MET A 1034 7.78 8.69 -13.58
C MET A 1034 9.06 8.25 -12.91
N GLU A 1035 9.95 9.16 -12.61
CA GLU A 1035 11.17 8.75 -11.92
C GLU A 1035 11.10 9.19 -10.48
N THR A 1036 11.91 8.51 -9.67
CA THR A 1036 12.01 8.79 -8.24
C THR A 1036 13.49 8.79 -7.97
N ALA A 1037 13.98 9.77 -7.22
CA ALA A 1037 15.39 9.87 -6.88
C ALA A 1037 15.49 10.23 -5.45
N ALA A 1038 16.64 9.94 -4.85
CA ALA A 1038 16.89 10.31 -3.47
C ALA A 1038 18.13 11.18 -3.39
N TYR A 1039 18.10 12.13 -2.45
CA TYR A 1039 19.25 13.02 -2.29
C TYR A 1039 19.50 13.17 -0.84
N VAL A 1040 20.78 13.32 -0.47
CA VAL A 1040 21.09 13.60 0.93
C VAL A 1040 21.92 14.88 0.93
N SER A 1041 21.50 15.86 1.73
CA SER A 1041 22.28 17.09 1.89
C SER A 1041 23.00 17.00 3.22
N SER A 1042 24.25 17.50 3.23
CA SER A 1042 25.08 17.49 4.44
C SER A 1042 25.29 18.96 4.81
N HIS A 1043 25.24 19.22 6.10
CA HIS A 1043 25.27 20.61 6.63
C HIS A 1043 26.20 20.69 7.79
N SER A 1044 26.96 21.78 7.80
CA SER A 1044 27.87 21.90 8.95
C SER A 1044 27.09 22.34 10.19
C1 NAG B . 31.90 -3.57 6.15
C2 NAG B . 33.21 -3.64 6.93
C3 NAG B . 34.36 -3.09 6.09
C4 NAG B . 34.44 -3.90 4.81
C5 NAG B . 33.10 -3.78 4.07
C6 NAG B . 33.11 -4.62 2.82
C7 NAG B . 33.28 -1.62 8.25
C8 NAG B . 34.69 -1.12 8.62
N2 NAG B . 33.10 -2.93 8.19
O3 NAG B . 35.57 -3.22 6.83
O4 NAG B . 35.51 -3.42 4.00
O5 NAG B . 32.02 -4.26 4.90
O6 NAG B . 33.34 -6.00 3.15
O7 NAG B . 32.39 -0.80 8.03
ZN ZN C . 3.42 -15.65 4.50
C5 SK3 D . 0.77 -18.86 4.84
N5 SK3 D . 1.73 -19.68 4.05
C4 SK3 D . 1.46 -17.85 5.75
O4 SK3 D . 2.81 -17.61 5.39
C3 SK3 D . 0.64 -16.56 5.66
O3 SK3 D . 1.32 -15.50 4.99
C2 SK3 D . -0.61 -17.01 4.91
O2 SK3 D . -1.42 -15.99 4.36
C1 SK3 D . -0.18 -18.10 3.94
O1 SK3 D . 0.37 -17.61 2.75
C6 SK3 D . 1.08 -20.89 3.56
C7 SK3 D . 1.97 -21.84 2.72
C12 SK3 D . 2.60 -22.90 3.38
C11 SK3 D . 3.38 -23.67 2.51
C8 SK3 D . 1.99 -21.38 1.39
C9 SK3 D . 2.82 -22.20 0.58
C10 SK3 D . 3.47 -23.29 1.17
C1 MPD E . -3.96 -28.05 -6.07
C2 MPD E . -3.14 -28.66 -7.21
O2 MPD E . -4.06 -29.35 -8.10
CM MPD E . -2.49 -27.53 -7.99
C3 MPD E . -2.17 -29.79 -6.73
C4 MPD E . -0.99 -29.48 -5.83
O4 MPD E . 0.14 -30.34 -6.15
C5 MPD E . -1.35 -29.61 -4.33
#